data_7T96
#
_entry.id   7T96
#
_cell.length_a   1.00
_cell.length_b   1.00
_cell.length_c   1.00
_cell.angle_alpha   90.00
_cell.angle_beta   90.00
_cell.angle_gamma   90.00
#
_symmetry.space_group_name_H-M   'P 1'
#
loop_
_entity.id
_entity.type
_entity.pdbx_description
1 polymer 'Muscarinic acetylcholine receptor M2'
2 polymer 'Guanine nucleotide-binding protein G(o) subunit alpha'
3 polymer 'Guanine nucleotide-binding protein G(I)/G(S)/G(T) subunit beta-1'
4 polymer 'Guanine nucleotide-binding protein G(I)/G(S)/G(O) subunit gamma-2'
5 polymer scFV16
6 non-polymer ACETYLCHOLINE
7 non-polymer 3-amino-5-chloro-N-cyclopropyl-4-methyl-6-[2-(4-methylpiperazin-1-yl)-2-oxoethoxy]thieno[2,3-b]pyridine-2-carboxamide
#
loop_
_entity_poly.entity_id
_entity_poly.type
_entity_poly.pdbx_seq_one_letter_code
_entity_poly.pdbx_strand_id
1 'polypeptide(L)'
;DYKDDDDASTDSSDNSLALTSPYKTFEVVFIVLVAGSLSLVTIIGNILVMVSIKVNRHLQTVNNYFLFSLACADLIIGVF
SMNLYTLYTVIGYWPLGPVVCDLWLALDYVVSNASVMNLLIISFDRYFCVTKPLTYPVKRTTKMAGMMIAAAWVLSFILW
APAILFWQFIVGVRTVEDGECYIQFFSNAAVTFGTAIAAFYLPVIIMTVLYWHISRASKSRIKKDKKEPVANQDPVSIVA
RKIVKMTKQPAKKKPPPSREKKVTRTILAILLAFIITWAPYNVMVLINTFCAPCIPNTVWTIGYWLCYINSTINPACYAL
CNATFKKTFKHLLMCHYKNIGATRPAGLEVLFQ
;
A
2 'polypeptide(L)'
;MGCTLSAEDKAAVERSKMIEKNLKEDGISAAKDVKLLLLGAGESGKSTIVKQMKIIHEDGFSGEDVKQYKPVVYSNTIQS
LAAIVRAMDTLGIEYGDKERKADAKMVCDVVSRMEDTEPFSAELLSAMMRLWGDSGIQECFNRSREYQLNDSAKYYLDSL
DRIGAADYQPTEQDILRTRVKTTGIVETHFTFKNLHFRLFDVGGQRSERKKWIHCFEDVTAIIFCVALSGYDQVLHEDET
TNRMHESLMLFDSICNNKFFIDTSIILFLNKKDLFGEKIKKSPLTICFPEYTGPNTYEDAAAYIQAQFESKNRSPNKEIY
CHMTCATDTNNIQVVFDAVTDIIIANNLRGCGLY
;
B
3 'polypeptide(L)'
;GPGSSGSELDQLRQEAEQLKNQIRDARKACADATLSQITNNIDPVGRIQMRTRRTLRGHLAKIYAMHWGTDSRLLVSASQ
DGKLIIWDSYTTNKVHAIPLRSSWVMTCAYAPSGNYVACGGLDNICSIYNLKTREGNVRVSRELAGHTGYLSCCRFLDDN
QIVTSSGDTTCALWDIETGQQTTTFTGHTGDVMSLSLAPDTRLFVSGACDASAKLWDVREGMCRQTFTGHESDINAICFF
PNGNAFATGSDDATCRLFDLRADQELMTYSHDNIICGITSVSFSKSGRLLLAGYDDFNCNVWDALKADRAGVLAGHDNRV
SCLGVTDDGMAVATGSWDSFLKIWN
;
C
4 'polypeptide(L)' MASNNTASIAQARKLVEQLKMEANIDRIKVSKAAADLMAYCEAHAKEDPLLTPVPASENPFREKKFFCAIL D
5 'polypeptide(L)'
;DVQLVESGGGLVQPGGSRKLSCSASGFAFSSFGMHWVRQAPEKGLEWVAYISSGSGTIYYADTVKGRFTISRDDPKNTLF
LQMTSLRSEDTAMYYCVRSIYYYGSSPFDFWGQGTTLTVSSGGGGSGGGGSGGGGSDIVMTQATSSVPVTPGESVSISCR
SSKSLLHSNGNTYLYWFLQRPGQSPQLLIYRMSNLASGVPDRFSGSGSGTAFTLTISRLEAEDVGVYYCMQHLEYPLTFG
AGTKLELKGSLEVLFQ
;
E
#
loop_
_chem_comp.id
_chem_comp.type
_chem_comp.name
_chem_comp.formula
2CU non-polymer 3-amino-5-chloro-N-cyclopropyl-4-methyl-6-[2-(4-methylpiperazin-1-yl)-2-oxoethoxy]thieno[2,3-b]pyridine-2-carboxamide 'C19 H24 Cl N5 O3 S'
ACH non-polymer ACETYLCHOLINE 'C7 H16 N O2 1'
#
# COMPACT_ATOMS: atom_id res chain seq x y z
N GLU A 27 51.96 -20.80 -13.45
CA GLU A 27 51.42 -21.67 -12.42
C GLU A 27 50.61 -20.87 -11.42
N VAL A 28 51.26 -19.90 -10.77
CA VAL A 28 50.61 -19.13 -9.73
C VAL A 28 49.48 -18.27 -10.30
N VAL A 29 49.66 -17.77 -11.52
CA VAL A 29 48.66 -16.89 -12.11
C VAL A 29 47.33 -17.62 -12.27
N PHE A 30 47.38 -18.90 -12.63
CA PHE A 30 46.14 -19.65 -12.83
C PHE A 30 45.38 -19.80 -11.52
N ILE A 31 46.10 -20.11 -10.44
CA ILE A 31 45.42 -20.33 -9.16
C ILE A 31 44.87 -19.01 -8.62
N VAL A 32 45.64 -17.92 -8.75
CA VAL A 32 45.15 -16.65 -8.26
C VAL A 32 43.95 -16.19 -9.09
N LEU A 33 43.97 -16.48 -10.39
CA LEU A 33 42.84 -16.12 -11.24
C LEU A 33 41.59 -16.89 -10.86
N VAL A 34 41.71 -18.21 -10.65
CA VAL A 34 40.53 -18.99 -10.33
C VAL A 34 39.97 -18.56 -8.97
N ALA A 35 40.85 -18.25 -8.03
CA ALA A 35 40.37 -17.82 -6.72
C ALA A 35 39.66 -16.49 -6.81
N GLY A 36 40.22 -15.54 -7.55
CA GLY A 36 39.56 -14.26 -7.72
C GLY A 36 38.22 -14.39 -8.43
N SER A 37 38.15 -15.27 -9.42
CA SER A 37 36.89 -15.49 -10.13
C SER A 37 35.82 -16.01 -9.18
N LEU A 38 36.17 -17.02 -8.39
CA LEU A 38 35.20 -17.55 -7.43
C LEU A 38 34.78 -16.48 -6.45
N SER A 39 35.72 -15.68 -5.96
CA SER A 39 35.40 -14.65 -4.99
C SER A 39 34.43 -13.63 -5.57
N LEU A 40 34.74 -13.11 -6.75
CA LEU A 40 33.89 -12.09 -7.34
C LEU A 40 32.50 -12.62 -7.64
N VAL A 41 32.42 -13.82 -8.22
CA VAL A 41 31.10 -14.37 -8.54
C VAL A 41 30.28 -14.57 -7.28
N THR A 42 30.91 -15.09 -6.22
CA THR A 42 30.19 -15.29 -4.97
C THR A 42 29.68 -13.97 -4.42
N ILE A 43 30.54 -12.95 -4.39
CA ILE A 43 30.15 -11.66 -3.84
C ILE A 43 28.98 -11.09 -4.59
N ILE A 44 29.06 -11.05 -5.93
CA ILE A 44 28.01 -10.43 -6.71
C ILE A 44 26.72 -11.24 -6.58
N GLY A 45 26.82 -12.57 -6.58
CA GLY A 45 25.63 -13.39 -6.49
C GLY A 45 24.88 -13.14 -5.20
N ASN A 46 25.60 -13.13 -4.08
CA ASN A 46 24.89 -12.97 -2.80
C ASN A 46 24.38 -11.55 -2.62
N ILE A 47 25.14 -10.55 -3.08
CA ILE A 47 24.64 -9.18 -3.01
C ILE A 47 23.37 -9.05 -3.81
N LEU A 48 23.34 -9.62 -5.02
CA LEU A 48 22.13 -9.55 -5.83
C LEU A 48 20.97 -10.25 -5.13
N VAL A 49 21.24 -11.40 -4.49
CA VAL A 49 20.16 -12.10 -3.80
C VAL A 49 19.57 -11.23 -2.70
N MET A 50 20.42 -10.61 -1.88
CA MET A 50 19.91 -9.81 -0.77
C MET A 50 19.21 -8.55 -1.26
N VAL A 51 19.77 -7.87 -2.26
CA VAL A 51 19.11 -6.66 -2.75
C VAL A 51 17.79 -7.01 -3.40
N SER A 52 17.72 -8.17 -4.06
CA SER A 52 16.49 -8.64 -4.67
C SER A 52 15.43 -8.87 -3.59
N ILE A 53 15.79 -9.59 -2.53
CA ILE A 53 14.80 -9.87 -1.51
C ILE A 53 14.37 -8.58 -0.83
N LYS A 54 15.28 -7.60 -0.78
CA LYS A 54 14.95 -6.32 -0.18
C LYS A 54 13.93 -5.53 -1.00
N VAL A 55 14.01 -5.55 -2.32
CA VAL A 55 13.10 -4.63 -3.08
C VAL A 55 12.21 -5.27 -4.16
N ASN A 56 11.33 -6.23 -3.82
CA ASN A 56 10.39 -6.72 -4.87
C ASN A 56 9.02 -6.79 -4.26
N ARG A 57 8.87 -6.24 -3.06
CA ARG A 57 7.55 -6.13 -2.40
C ARG A 57 6.98 -7.51 -2.10
N HIS A 58 6.70 -8.29 -3.14
CA HIS A 58 6.02 -9.58 -2.93
C HIS A 58 7.04 -10.61 -2.54
N LEU A 59 8.26 -10.46 -3.05
CA LEU A 59 9.17 -11.57 -2.82
C LEU A 59 9.52 -11.68 -1.34
N GLN A 60 9.13 -10.69 -0.54
CA GLN A 60 9.37 -10.69 0.89
C GLN A 60 8.37 -11.59 1.59
N THR A 61 8.84 -12.71 2.13
CA THR A 61 7.99 -13.67 2.80
C THR A 61 8.76 -14.27 3.96
N VAL A 62 8.05 -15.01 4.81
CA VAL A 62 8.69 -15.73 5.89
C VAL A 62 9.67 -16.76 5.33
N ASN A 63 9.31 -17.38 4.21
CA ASN A 63 10.15 -18.42 3.63
C ASN A 63 11.48 -17.85 3.15
N ASN A 64 11.49 -16.56 2.80
CA ASN A 64 12.69 -16.03 2.11
C ASN A 64 13.75 -15.50 3.06
N TYR A 65 13.40 -15.44 4.35
CA TYR A 65 14.32 -14.88 5.39
C TYR A 65 15.32 -15.93 5.87
N PHE A 66 14.99 -17.22 5.81
CA PHE A 66 16.01 -18.22 6.17
C PHE A 66 16.95 -18.18 4.99
N LEU A 67 16.47 -17.63 3.85
CA LEU A 67 17.40 -17.44 2.76
C LEU A 67 17.96 -16.04 2.76
N PHE A 68 17.40 -15.14 3.57
CA PHE A 68 18.08 -13.89 3.84
C PHE A 68 19.22 -14.06 4.85
N SER A 69 19.20 -15.12 5.66
CA SER A 69 20.35 -15.38 6.54
C SER A 69 21.46 -15.94 5.67
N LEU A 70 21.33 -17.19 5.23
CA LEU A 70 22.41 -17.81 4.46
C LEU A 70 23.03 -16.85 3.48
N ALA A 71 22.22 -16.05 2.78
CA ALA A 71 22.74 -15.18 1.75
C ALA A 71 23.78 -14.21 2.29
N CYS A 72 23.77 -13.96 3.60
CA CYS A 72 24.80 -13.13 4.20
C CYS A 72 25.96 -13.95 4.73
N ALA A 73 25.68 -15.10 5.35
CA ALA A 73 26.74 -15.83 6.03
C ALA A 73 27.83 -16.25 5.06
N ASP A 74 27.45 -16.77 3.90
CA ASP A 74 28.44 -17.14 2.90
C ASP A 74 29.21 -15.93 2.42
N LEU A 75 28.54 -14.77 2.38
CA LEU A 75 29.15 -13.53 1.94
C LEU A 75 30.46 -13.26 2.69
N ILE A 76 30.45 -13.48 4.01
CA ILE A 76 31.68 -13.33 4.78
C ILE A 76 32.72 -14.33 4.30
N ILE A 77 32.34 -15.60 4.21
CA ILE A 77 33.24 -16.58 3.60
C ILE A 77 33.53 -16.18 2.17
N GLY A 78 32.60 -15.48 1.54
CA GLY A 78 32.82 -15.02 0.18
C GLY A 78 33.96 -14.05 0.03
N VAL A 79 34.42 -13.47 1.13
CA VAL A 79 35.49 -12.47 1.10
C VAL A 79 36.69 -12.89 1.94
N PHE A 80 36.47 -13.25 3.22
CA PHE A 80 37.60 -13.48 4.15
C PHE A 80 38.33 -14.73 3.79
N SER A 81 37.76 -15.88 4.06
CA SER A 81 38.53 -17.12 3.87
C SER A 81 38.94 -17.13 2.43
N MET A 82 38.03 -16.72 1.54
CA MET A 82 38.30 -16.76 0.07
C MET A 82 39.65 -16.10 -0.21
N ASN A 83 39.82 -14.83 0.19
CA ASN A 83 41.07 -14.13 -0.12
C ASN A 83 42.25 -14.59 0.77
N LEU A 84 42.00 -15.05 1.99
CA LEU A 84 43.15 -15.28 2.89
C LEU A 84 43.68 -16.69 2.69
N TYR A 85 42.81 -17.54 2.26
CA TYR A 85 43.39 -18.84 1.99
C TYR A 85 44.13 -18.53 0.73
N THR A 86 43.69 -17.58 -0.08
CA THR A 86 44.52 -17.30 -1.28
C THR A 86 45.89 -16.79 -0.83
N LEU A 87 45.96 -15.94 0.21
CA LEU A 87 47.26 -15.46 0.76
C LEU A 87 48.12 -16.63 1.25
N TYR A 88 47.56 -17.70 1.81
CA TYR A 88 48.41 -18.79 2.37
C TYR A 88 48.32 -19.98 1.42
N THR A 89 47.39 -19.91 0.46
CA THR A 89 47.12 -21.00 -0.45
C THR A 89 48.41 -21.31 -1.15
N VAL A 90 49.19 -20.27 -1.41
CA VAL A 90 50.33 -20.47 -2.35
C VAL A 90 51.65 -20.71 -1.66
N ILE A 91 52.10 -19.75 -0.91
CA ILE A 91 53.46 -19.81 -0.39
C ILE A 91 53.71 -21.07 0.42
N GLY A 92 52.95 -21.27 1.50
CA GLY A 92 53.12 -22.44 2.34
C GLY A 92 53.51 -22.14 3.76
N TYR A 93 53.69 -20.87 4.11
CA TYR A 93 54.04 -20.48 5.48
C TYR A 93 53.07 -19.41 5.94
N TRP A 94 52.47 -19.62 7.09
CA TRP A 94 51.58 -18.62 7.67
C TRP A 94 52.32 -17.31 7.86
N PRO A 95 52.01 -16.28 7.07
CA PRO A 95 52.75 -15.03 7.15
C PRO A 95 52.51 -14.25 8.42
N LEU A 96 51.61 -14.71 9.30
CA LEU A 96 51.03 -13.87 10.32
C LEU A 96 51.13 -14.45 11.72
N GLY A 97 51.63 -15.67 11.87
CA GLY A 97 51.78 -16.26 13.18
C GLY A 97 50.46 -16.42 13.89
N PRO A 98 50.51 -16.66 15.20
CA PRO A 98 49.28 -16.85 15.96
C PRO A 98 48.58 -15.56 16.37
N VAL A 99 48.94 -14.44 15.75
CA VAL A 99 48.30 -13.20 16.15
C VAL A 99 46.93 -13.05 15.52
N VAL A 100 46.70 -13.66 14.35
CA VAL A 100 45.42 -13.53 13.67
C VAL A 100 44.95 -14.92 13.27
N CYS A 101 45.84 -15.90 13.35
CA CYS A 101 45.49 -17.26 12.94
C CYS A 101 44.35 -17.81 13.77
N ASP A 102 44.39 -17.60 15.09
CA ASP A 102 43.32 -18.09 15.95
C ASP A 102 42.00 -17.44 15.59
N LEU A 103 41.96 -16.12 15.51
CA LEU A 103 40.72 -15.41 15.20
C LEU A 103 40.18 -15.82 13.83
N TRP A 104 41.01 -15.85 12.77
CA TRP A 104 40.55 -16.23 11.40
C TRP A 104 40.02 -17.64 11.42
N LEU A 105 40.81 -18.57 11.94
CA LEU A 105 40.38 -19.96 11.88
C LEU A 105 39.06 -20.15 12.62
N ALA A 106 38.94 -19.51 13.79
CA ALA A 106 37.70 -19.63 14.57
C ALA A 106 36.54 -19.05 13.80
N LEU A 107 36.71 -17.86 13.22
CA LEU A 107 35.64 -17.24 12.47
C LEU A 107 35.26 -18.10 11.26
N ASP A 108 36.27 -18.66 10.59
CA ASP A 108 36.00 -19.47 9.37
C ASP A 108 35.11 -20.66 9.76
N TYR A 109 35.55 -21.47 10.72
CA TYR A 109 34.78 -22.63 11.18
C TYR A 109 33.39 -22.20 11.69
N VAL A 110 33.24 -21.03 12.33
CA VAL A 110 31.95 -20.61 12.88
C VAL A 110 30.99 -20.25 11.75
N VAL A 111 31.47 -19.52 10.75
CA VAL A 111 30.58 -19.09 9.68
C VAL A 111 30.16 -20.27 8.82
N SER A 112 31.08 -21.19 8.54
CA SER A 112 30.68 -22.38 7.78
C SER A 112 29.61 -23.18 8.50
N ASN A 113 29.76 -23.37 9.81
CA ASN A 113 28.74 -24.09 10.54
C ASN A 113 27.43 -23.33 10.55
N ALA A 114 27.49 -22.00 10.58
CA ALA A 114 26.28 -21.21 10.46
C ALA A 114 25.58 -21.49 9.14
N SER A 115 26.35 -21.60 8.06
CA SER A 115 25.77 -21.92 6.76
C SER A 115 25.02 -23.24 6.80
N VAL A 116 25.63 -24.26 7.38
CA VAL A 116 24.94 -25.55 7.46
C VAL A 116 23.66 -25.43 8.28
N MET A 117 23.70 -24.65 9.36
CA MET A 117 22.50 -24.50 10.19
C MET A 117 21.39 -23.76 9.45
N ASN A 118 21.75 -22.77 8.62
CA ASN A 118 20.73 -22.11 7.81
C ASN A 118 20.08 -23.09 6.85
N LEU A 119 20.88 -23.95 6.22
CA LEU A 119 20.28 -25.00 5.40
C LEU A 119 19.30 -25.85 6.20
N LEU A 120 19.67 -26.21 7.44
CA LEU A 120 18.81 -27.07 8.23
C LEU A 120 17.47 -26.40 8.54
N ILE A 121 17.50 -25.13 8.94
CA ILE A 121 16.26 -24.44 9.23
C ILE A 121 15.41 -24.24 7.98
N ILE A 122 16.01 -24.08 6.80
CA ILE A 122 15.22 -24.05 5.57
C ILE A 122 14.54 -25.40 5.34
N SER A 123 15.24 -26.49 5.63
CA SER A 123 14.61 -27.80 5.51
C SER A 123 13.38 -27.92 6.39
N PHE A 124 13.51 -27.51 7.66
CA PHE A 124 12.34 -27.50 8.56
C PHE A 124 11.21 -26.66 7.98
N ASP A 125 11.52 -25.46 7.51
CA ASP A 125 10.49 -24.55 7.01
C ASP A 125 9.73 -25.18 5.86
N ARG A 126 10.45 -25.77 4.90
CA ARG A 126 9.78 -26.40 3.77
C ARG A 126 8.92 -27.57 4.21
N TYR A 127 9.45 -28.41 5.11
CA TYR A 127 8.67 -29.57 5.51
C TYR A 127 7.38 -29.16 6.18
N PHE A 128 7.43 -28.12 7.00
CA PHE A 128 6.20 -27.70 7.66
C PHE A 128 5.25 -26.96 6.71
N CYS A 129 5.79 -26.29 5.69
CA CYS A 129 4.92 -25.63 4.71
C CYS A 129 4.35 -26.57 3.66
N VAL A 130 4.79 -27.83 3.61
CA VAL A 130 4.22 -28.80 2.70
C VAL A 130 3.40 -29.85 3.43
N THR A 131 3.86 -30.35 4.58
CA THR A 131 3.15 -31.41 5.28
C THR A 131 1.85 -30.91 5.89
N LYS A 132 1.88 -29.74 6.53
CA LYS A 132 0.71 -29.13 7.15
C LYS A 132 0.49 -27.77 6.51
N PRO A 133 -0.22 -27.72 5.38
CA PRO A 133 -0.24 -26.49 4.58
C PRO A 133 -1.25 -25.47 5.03
N LEU A 134 -2.23 -25.85 5.86
CA LEU A 134 -3.34 -24.95 6.18
C LEU A 134 -3.06 -24.13 7.42
N THR A 135 -2.83 -24.79 8.56
CA THR A 135 -2.64 -24.08 9.82
C THR A 135 -1.25 -23.47 9.93
N TYR A 136 -0.22 -24.19 9.47
CA TYR A 136 1.16 -23.79 9.74
C TYR A 136 1.55 -22.45 9.13
N PRO A 137 1.31 -22.17 7.85
CA PRO A 137 1.89 -20.96 7.24
C PRO A 137 1.46 -19.66 7.89
N VAL A 138 0.41 -19.67 8.70
CA VAL A 138 -0.06 -18.46 9.36
C VAL A 138 0.22 -18.46 10.86
N LYS A 139 0.31 -19.63 11.49
CA LYS A 139 0.45 -19.71 12.94
C LYS A 139 1.71 -19.00 13.42
N ARG A 140 2.81 -19.17 12.71
CA ARG A 140 4.08 -18.57 13.10
C ARG A 140 4.14 -17.13 12.61
N THR A 141 4.68 -16.25 13.44
CA THR A 141 4.87 -14.86 13.09
C THR A 141 6.34 -14.64 12.69
N THR A 142 6.70 -13.39 12.46
CA THR A 142 8.09 -13.08 12.16
C THR A 142 9.00 -13.37 13.35
N LYS A 143 8.49 -13.21 14.57
CA LYS A 143 9.31 -13.37 15.75
C LYS A 143 9.85 -14.80 15.88
N MET A 144 9.02 -15.79 15.57
CA MET A 144 9.47 -17.18 15.64
C MET A 144 10.58 -17.45 14.63
N ALA A 145 10.43 -16.91 13.42
CA ALA A 145 11.46 -17.08 12.41
C ALA A 145 12.77 -16.44 12.85
N GLY A 146 12.68 -15.23 13.40
CA GLY A 146 13.88 -14.58 13.90
C GLY A 146 14.53 -15.36 15.03
N MET A 147 13.71 -15.92 15.91
CA MET A 147 14.24 -16.74 16.99
C MET A 147 14.99 -17.95 16.45
N MET A 148 14.43 -18.60 15.43
CA MET A 148 15.11 -19.74 14.82
C MET A 148 16.42 -19.32 14.17
N ILE A 149 16.43 -18.18 13.49
CA ILE A 149 17.65 -17.68 12.87
C ILE A 149 18.73 -17.45 13.92
N ALA A 150 18.38 -16.73 14.99
CA ALA A 150 19.34 -16.43 16.03
C ALA A 150 19.83 -17.71 16.70
N ALA A 151 18.94 -18.69 16.88
CA ALA A 151 19.35 -19.96 17.47
C ALA A 151 20.35 -20.67 16.58
N ALA A 152 20.09 -20.68 15.27
CA ALA A 152 21.01 -21.35 14.35
C ALA A 152 22.38 -20.69 14.37
N TRP A 153 22.41 -19.36 14.50
CA TRP A 153 23.69 -18.67 14.56
C TRP A 153 24.43 -18.93 15.88
N VAL A 154 23.72 -18.80 17.00
CA VAL A 154 24.35 -18.90 18.31
C VAL A 154 24.82 -20.31 18.57
N LEU A 155 24.10 -21.33 18.09
CA LEU A 155 24.54 -22.70 18.31
C LEU A 155 25.90 -22.93 17.64
N SER A 156 26.06 -22.46 16.41
CA SER A 156 27.34 -22.61 15.73
C SER A 156 28.44 -21.83 16.44
N PHE A 157 28.13 -20.60 16.85
CA PHE A 157 29.13 -19.79 17.55
C PHE A 157 29.64 -20.50 18.80
N ILE A 158 28.73 -20.95 19.65
CA ILE A 158 29.13 -21.62 20.89
C ILE A 158 29.81 -22.95 20.58
N LEU A 159 29.36 -23.64 19.54
CA LEU A 159 29.90 -24.96 19.25
C LEU A 159 31.30 -24.91 18.67
N TRP A 160 31.74 -23.78 18.13
CA TRP A 160 33.09 -23.82 17.52
C TRP A 160 34.01 -22.75 18.10
N ALA A 161 33.54 -21.50 18.21
CA ALA A 161 34.47 -20.45 18.61
C ALA A 161 35.19 -20.71 19.93
N PRO A 162 34.51 -21.10 21.02
CA PRO A 162 35.21 -21.20 22.31
C PRO A 162 36.31 -22.25 22.33
N ALA A 163 36.02 -23.47 21.90
CA ALA A 163 37.04 -24.52 21.94
C ALA A 163 38.24 -24.15 21.09
N ILE A 164 37.99 -23.69 19.87
CA ILE A 164 39.08 -23.33 18.97
C ILE A 164 39.93 -22.22 19.57
N LEU A 165 39.27 -21.19 20.10
CA LEU A 165 40.03 -20.03 20.56
C LEU A 165 40.77 -20.30 21.87
N PHE A 166 40.24 -21.18 22.74
CA PHE A 166 40.75 -21.29 24.09
C PHE A 166 41.27 -22.68 24.45
N TRP A 167 41.48 -23.56 23.47
CA TRP A 167 42.18 -24.80 23.78
C TRP A 167 43.59 -24.52 24.26
N GLN A 168 44.17 -23.39 23.83
CA GLN A 168 45.45 -22.95 24.35
C GLN A 168 45.46 -22.96 25.88
N PHE A 169 44.59 -22.15 26.49
CA PHE A 169 44.58 -22.04 27.94
C PHE A 169 44.00 -23.29 28.58
N ILE A 170 43.13 -24.02 27.87
CA ILE A 170 42.61 -25.27 28.40
C ILE A 170 43.71 -26.28 28.61
N VAL A 171 44.63 -26.39 27.66
CA VAL A 171 45.73 -27.35 27.77
C VAL A 171 46.97 -26.68 28.37
N GLY A 172 47.21 -25.42 28.05
CA GLY A 172 48.34 -24.69 28.57
C GLY A 172 49.52 -24.56 27.63
N VAL A 173 49.45 -25.16 26.44
CA VAL A 173 50.54 -25.10 25.48
C VAL A 173 49.96 -24.81 24.11
N ARG A 174 50.81 -24.30 23.22
CA ARG A 174 50.45 -24.01 21.84
C ARG A 174 51.03 -25.12 20.97
N THR A 175 50.23 -26.17 20.75
CA THR A 175 50.70 -27.29 19.94
C THR A 175 51.00 -26.85 18.51
N VAL A 176 50.30 -25.84 18.02
CA VAL A 176 50.50 -25.37 16.65
C VAL A 176 51.83 -24.62 16.57
N GLU A 177 52.68 -25.03 15.64
CA GLU A 177 53.90 -24.29 15.37
C GLU A 177 53.60 -23.07 14.50
N ASP A 178 54.59 -22.18 14.39
CA ASP A 178 54.37 -20.90 13.73
C ASP A 178 54.31 -21.02 12.20
N GLY A 179 54.76 -22.13 11.62
CA GLY A 179 54.83 -22.23 10.17
C GLY A 179 53.56 -22.65 9.47
N GLU A 180 52.51 -22.97 10.20
CA GLU A 180 51.27 -23.42 9.61
C GLU A 180 50.15 -23.21 10.62
N CYS A 181 48.92 -23.27 10.13
CA CYS A 181 47.74 -23.05 10.96
C CYS A 181 46.82 -24.25 10.87
N TYR A 182 46.40 -24.72 12.04
CA TYR A 182 45.50 -25.89 12.09
C TYR A 182 44.71 -25.87 13.40
N ILE A 183 43.92 -26.91 13.61
CA ILE A 183 43.04 -27.01 14.77
C ILE A 183 43.88 -27.41 15.98
N GLN A 184 43.75 -26.65 17.07
CA GLN A 184 44.55 -26.90 18.25
C GLN A 184 44.29 -28.28 18.84
N PHE A 185 43.03 -28.70 18.88
CA PHE A 185 42.66 -29.96 19.53
C PHE A 185 42.63 -31.12 18.56
N PHE A 186 43.46 -31.11 17.52
CA PHE A 186 43.38 -32.14 16.48
C PHE A 186 43.57 -33.53 17.06
N SER A 187 44.27 -33.63 18.19
CA SER A 187 44.61 -34.92 18.76
C SER A 187 43.53 -35.45 19.69
N ASN A 188 42.85 -34.58 20.43
CA ASN A 188 41.84 -35.03 21.37
C ASN A 188 40.70 -35.66 20.60
N ALA A 189 40.61 -37.00 20.66
CA ALA A 189 39.66 -37.71 19.83
C ALA A 189 38.22 -37.30 20.13
N ALA A 190 37.88 -37.18 21.41
CA ALA A 190 36.49 -36.91 21.78
C ALA A 190 36.01 -35.59 21.20
N VAL A 191 36.84 -34.55 21.28
CA VAL A 191 36.41 -33.23 20.83
C VAL A 191 36.25 -33.20 19.32
N THR A 192 37.22 -33.77 18.59
CA THR A 192 37.15 -33.76 17.14
C THR A 192 35.92 -34.53 16.65
N PHE A 193 35.72 -35.74 17.17
CA PHE A 193 34.50 -36.49 16.85
C PHE A 193 33.31 -35.62 17.15
N GLY A 194 33.06 -35.31 18.43
CA GLY A 194 31.93 -34.51 18.81
C GLY A 194 31.59 -33.38 17.86
N THR A 195 32.58 -32.51 17.59
CA THR A 195 32.34 -31.37 16.74
C THR A 195 31.95 -31.79 15.32
N ALA A 196 32.76 -32.66 14.70
CA ALA A 196 32.50 -33.03 13.32
C ALA A 196 31.19 -33.80 13.19
N ILE A 197 30.97 -34.77 14.06
CA ILE A 197 29.77 -35.59 14.00
C ILE A 197 28.55 -34.72 14.14
N ALA A 198 28.55 -33.78 15.09
CA ALA A 198 27.42 -32.88 15.16
C ALA A 198 27.27 -32.14 13.84
N ALA A 199 28.25 -31.29 13.55
CA ALA A 199 28.09 -30.25 12.54
C ALA A 199 27.93 -30.79 11.13
N PHE A 200 28.21 -32.06 10.90
CA PHE A 200 27.95 -32.64 9.59
C PHE A 200 26.96 -33.78 9.64
N TYR A 201 27.19 -34.77 10.50
CA TYR A 201 26.42 -36.00 10.44
C TYR A 201 25.08 -35.93 11.17
N LEU A 202 24.78 -34.86 11.93
CA LEU A 202 23.38 -34.77 12.33
C LEU A 202 22.54 -34.16 11.21
N PRO A 203 22.99 -33.04 10.61
CA PRO A 203 22.20 -32.48 9.51
C PRO A 203 22.00 -33.41 8.34
N VAL A 204 22.94 -34.29 8.02
CA VAL A 204 22.75 -35.17 6.86
C VAL A 204 21.51 -36.04 7.05
N ILE A 205 21.41 -36.73 8.20
CA ILE A 205 20.29 -37.62 8.41
C ILE A 205 19.00 -36.82 8.54
N ILE A 206 19.04 -35.69 9.27
CA ILE A 206 17.83 -34.91 9.44
C ILE A 206 17.29 -34.42 8.10
N MET A 207 18.18 -33.86 7.27
CA MET A 207 17.77 -33.31 5.99
C MET A 207 17.26 -34.39 5.05
N THR A 208 17.97 -35.53 4.99
CA THR A 208 17.52 -36.58 4.08
C THR A 208 16.17 -37.14 4.48
N VAL A 209 15.96 -37.35 5.78
CA VAL A 209 14.66 -37.83 6.26
C VAL A 209 13.56 -36.85 5.88
N LEU A 210 13.77 -35.56 6.20
CA LEU A 210 12.72 -34.58 5.94
C LEU A 210 12.39 -34.47 4.46
N TYR A 211 13.41 -34.46 3.61
CA TYR A 211 13.15 -34.39 2.19
C TYR A 211 12.49 -35.65 1.63
N TRP A 212 12.79 -36.82 2.16
CA TRP A 212 12.09 -37.99 1.64
C TRP A 212 10.61 -37.94 2.02
N HIS A 213 10.31 -37.47 3.23
CA HIS A 213 8.90 -37.27 3.59
C HIS A 213 8.24 -36.20 2.72
N ILE A 214 8.94 -35.11 2.41
CA ILE A 214 8.34 -34.09 1.56
C ILE A 214 8.02 -34.66 0.19
N SER A 215 8.95 -35.46 -0.35
CA SER A 215 8.70 -36.09 -1.65
C SER A 215 7.51 -37.03 -1.58
N ARG A 216 7.39 -37.77 -0.48
CA ARG A 216 6.24 -38.66 -0.33
C ARG A 216 4.93 -37.89 -0.28
N ALA A 217 4.91 -36.78 0.43
CA ALA A 217 3.67 -36.03 0.67
C ALA A 217 3.44 -34.91 -0.33
N SER A 218 4.23 -34.85 -1.39
CA SER A 218 4.03 -33.84 -2.43
C SER A 218 3.11 -34.29 -3.55
N LYS A 219 2.64 -35.53 -3.52
CA LYS A 219 1.79 -36.05 -4.59
C LYS A 219 0.36 -35.55 -4.44
N SER A 220 -0.39 -35.62 -5.53
CA SER A 220 -1.76 -35.11 -5.58
C SER A 220 -2.72 -36.23 -5.21
N ARG A 221 -3.40 -36.07 -4.07
CA ARG A 221 -4.35 -37.07 -3.61
C ARG A 221 -5.55 -37.18 -4.53
N ILE A 222 -5.74 -36.24 -5.45
CA ILE A 222 -6.84 -36.31 -6.41
C ILE A 222 -6.55 -37.42 -7.41
N LYS A 223 -7.54 -38.29 -7.63
CA LYS A 223 -7.40 -39.38 -8.58
C LYS A 223 -8.76 -39.82 -9.10
N PRO A 256 4.49 -35.82 -20.05
CA PRO A 256 3.97 -34.96 -18.97
C PRO A 256 4.41 -35.43 -17.59
N PRO A 257 5.55 -34.94 -17.11
CA PRO A 257 6.02 -35.35 -15.79
C PRO A 257 5.10 -34.85 -14.70
N SER A 258 5.02 -35.63 -13.62
CA SER A 258 4.17 -35.25 -12.50
C SER A 258 4.86 -34.22 -11.62
N ARG A 259 4.11 -33.69 -10.65
CA ARG A 259 4.69 -32.80 -9.67
C ARG A 259 5.75 -33.51 -8.84
N GLU A 260 5.46 -34.76 -8.45
CA GLU A 260 6.41 -35.53 -7.65
C GLU A 260 7.73 -35.69 -8.39
N LYS A 261 7.68 -35.83 -9.71
CA LYS A 261 8.91 -36.02 -10.48
C LYS A 261 9.82 -34.80 -10.37
N LYS A 262 9.25 -33.61 -10.60
CA LYS A 262 10.06 -32.40 -10.53
C LYS A 262 10.61 -32.20 -9.13
N VAL A 263 9.76 -32.41 -8.11
CA VAL A 263 10.21 -32.21 -6.74
C VAL A 263 11.33 -33.17 -6.40
N THR A 264 11.21 -34.43 -6.80
CA THR A 264 12.25 -35.40 -6.47
C THR A 264 13.55 -35.09 -7.20
N ARG A 265 13.47 -34.67 -8.47
CA ARG A 265 14.68 -34.27 -9.18
C ARG A 265 15.40 -33.15 -8.43
N THR A 266 14.69 -32.07 -8.11
CA THR A 266 15.34 -30.96 -7.44
C THR A 266 15.88 -31.35 -6.08
N ILE A 267 15.14 -32.18 -5.35
CA ILE A 267 15.51 -32.45 -3.97
C ILE A 267 16.74 -33.36 -3.94
N LEU A 268 16.81 -34.30 -4.88
CA LEU A 268 18.01 -35.13 -5.00
C LEU A 268 19.19 -34.29 -5.41
N ALA A 269 18.99 -33.33 -6.30
CA ALA A 269 20.08 -32.43 -6.67
C ALA A 269 20.68 -31.77 -5.42
N ILE A 270 19.82 -31.16 -4.60
CA ILE A 270 20.32 -30.41 -3.45
C ILE A 270 21.05 -31.32 -2.48
N LEU A 271 20.42 -32.44 -2.09
CA LEU A 271 21.06 -33.33 -1.12
C LEU A 271 22.38 -33.88 -1.63
N LEU A 272 22.39 -34.38 -2.87
CA LEU A 272 23.63 -34.96 -3.41
C LEU A 272 24.73 -33.91 -3.49
N ALA A 273 24.40 -32.71 -3.94
CA ALA A 273 25.42 -31.67 -4.02
C ALA A 273 26.04 -31.41 -2.66
N PHE A 274 25.20 -31.18 -1.65
CA PHE A 274 25.73 -30.88 -0.33
C PHE A 274 26.58 -32.02 0.21
N ILE A 275 26.11 -33.26 0.05
CA ILE A 275 26.82 -34.37 0.67
C ILE A 275 28.14 -34.62 -0.04
N ILE A 276 28.16 -34.54 -1.36
CA ILE A 276 29.42 -34.71 -2.09
C ILE A 276 30.39 -33.61 -1.70
N THR A 277 29.92 -32.36 -1.59
CA THR A 277 30.81 -31.26 -1.30
C THR A 277 31.43 -31.39 0.09
N TRP A 278 30.67 -31.82 1.09
CA TRP A 278 31.15 -31.86 2.46
C TRP A 278 31.55 -33.23 2.97
N ALA A 279 31.56 -34.26 2.14
CA ALA A 279 31.91 -35.56 2.70
C ALA A 279 33.41 -35.74 2.98
N PRO A 280 34.28 -35.61 1.98
CA PRO A 280 35.67 -36.06 2.18
C PRO A 280 36.40 -35.32 3.28
N TYR A 281 36.15 -34.02 3.45
CA TYR A 281 36.81 -33.29 4.51
C TYR A 281 36.40 -33.86 5.87
N ASN A 282 35.12 -34.12 6.05
CA ASN A 282 34.60 -34.60 7.31
C ASN A 282 34.83 -36.10 7.51
N VAL A 283 35.37 -36.80 6.52
CA VAL A 283 35.88 -38.15 6.76
C VAL A 283 37.38 -38.14 7.01
N MET A 284 38.13 -37.24 6.38
CA MET A 284 39.57 -37.18 6.70
C MET A 284 39.71 -36.72 8.14
N VAL A 285 38.90 -35.74 8.59
CA VAL A 285 38.99 -35.26 9.95
C VAL A 285 38.91 -36.44 10.91
N LEU A 286 38.00 -37.36 10.63
CA LEU A 286 37.94 -38.61 11.40
C LEU A 286 39.18 -39.45 11.15
N ILE A 287 39.79 -39.33 9.96
CA ILE A 287 40.96 -40.14 9.65
C ILE A 287 42.15 -39.78 10.53
N ASN A 288 42.49 -38.49 10.59
CA ASN A 288 43.74 -38.06 11.28
C ASN A 288 43.83 -38.65 12.69
N THR A 289 42.86 -38.35 13.52
CA THR A 289 42.84 -38.87 14.90
C THR A 289 42.91 -40.38 14.84
N PRO A 293 46.15 -40.31 10.76
CA PRO A 293 47.57 -40.06 10.95
C PRO A 293 48.26 -39.79 9.62
N CYS A 294 47.53 -39.82 8.51
CA CYS A 294 48.15 -39.62 7.17
C CYS A 294 48.04 -38.17 6.73
N ILE A 295 49.07 -37.62 6.12
CA ILE A 295 49.06 -36.16 5.81
C ILE A 295 49.02 -36.05 4.30
N PRO A 296 47.88 -35.64 3.71
CA PRO A 296 47.86 -35.43 2.27
C PRO A 296 48.93 -34.34 2.11
N ASN A 297 48.97 -33.38 3.04
CA ASN A 297 50.00 -32.29 3.03
C ASN A 297 49.75 -31.39 1.82
N THR A 298 49.18 -31.95 0.75
CA THR A 298 48.86 -31.12 -0.40
C THR A 298 47.48 -31.52 -0.86
N VAL A 299 47.15 -32.80 -0.73
CA VAL A 299 45.86 -33.28 -1.32
C VAL A 299 44.70 -32.60 -0.61
N TRP A 300 44.83 -32.47 0.67
CA TRP A 300 43.68 -31.93 1.40
C TRP A 300 43.65 -30.42 1.23
N THR A 301 44.54 -29.88 0.42
CA THR A 301 44.41 -28.43 0.21
C THR A 301 43.11 -28.25 -0.52
N ILE A 302 42.81 -29.17 -1.40
CA ILE A 302 41.57 -29.06 -2.22
C ILE A 302 40.40 -29.14 -1.29
N GLY A 303 40.53 -29.93 -0.26
CA GLY A 303 39.33 -30.16 0.54
C GLY A 303 38.79 -28.84 0.91
N TYR A 304 39.64 -27.94 1.27
CA TYR A 304 39.11 -26.67 1.78
C TYR A 304 38.46 -26.02 0.58
N TRP A 305 39.08 -26.19 -0.55
CA TRP A 305 38.57 -25.46 -1.70
C TRP A 305 37.22 -26.07 -2.03
N LEU A 306 37.16 -27.40 -2.04
CA LEU A 306 35.90 -28.08 -2.30
C LEU A 306 34.84 -27.60 -1.33
N CYS A 307 35.18 -27.52 -0.05
CA CYS A 307 34.20 -27.10 0.95
C CYS A 307 33.79 -25.65 0.76
N TYR A 308 34.60 -24.84 0.11
CA TYR A 308 34.19 -23.47 -0.15
C TYR A 308 33.26 -23.38 -1.35
N ILE A 309 33.27 -24.40 -2.21
CA ILE A 309 32.54 -24.30 -3.47
C ILE A 309 31.04 -24.15 -3.23
N ASN A 310 30.49 -24.86 -2.25
CA ASN A 310 29.05 -24.71 -2.06
C ASN A 310 28.68 -23.41 -1.40
N SER A 311 29.65 -22.66 -0.90
CA SER A 311 29.43 -21.30 -0.47
C SER A 311 29.36 -20.36 -1.66
N THR A 312 29.49 -20.90 -2.86
CA THR A 312 29.51 -20.15 -4.10
C THR A 312 28.37 -20.49 -5.03
N ILE A 313 27.75 -21.67 -4.89
CA ILE A 313 26.77 -22.16 -5.85
C ILE A 313 25.39 -22.18 -5.23
N ASN A 314 25.32 -22.31 -3.91
CA ASN A 314 24.01 -22.45 -3.28
C ASN A 314 23.08 -21.24 -3.44
N PRO A 315 23.55 -20.01 -3.75
CA PRO A 315 22.56 -19.01 -4.17
C PRO A 315 21.82 -19.42 -5.42
N ALA A 316 22.49 -20.12 -6.34
CA ALA A 316 21.81 -20.61 -7.54
C ALA A 316 20.94 -21.81 -7.22
N CYS A 317 21.36 -22.66 -6.28
CA CYS A 317 20.59 -23.83 -5.92
C CYS A 317 19.44 -23.52 -4.98
N TYR A 318 19.31 -22.29 -4.52
CA TYR A 318 18.27 -21.92 -3.57
C TYR A 318 17.55 -20.63 -3.91
N ALA A 319 18.03 -19.85 -4.86
CA ALA A 319 17.36 -18.63 -5.26
C ALA A 319 17.36 -18.43 -6.77
N LEU A 320 17.82 -19.42 -7.53
CA LEU A 320 17.72 -19.31 -9.01
C LEU A 320 16.69 -20.33 -9.49
N CYS A 321 16.15 -21.15 -8.57
CA CYS A 321 15.10 -22.07 -9.00
C CYS A 321 13.76 -21.43 -8.66
N ASN A 322 13.70 -20.41 -7.79
CA ASN A 322 12.38 -19.86 -7.36
C ASN A 322 11.58 -19.43 -8.59
N ALA A 323 12.24 -18.82 -9.58
CA ALA A 323 11.70 -18.42 -10.88
C ALA A 323 11.00 -17.11 -10.66
N THR A 324 10.81 -16.76 -9.38
CA THR A 324 10.25 -15.43 -9.03
C THR A 324 11.49 -14.59 -8.74
N PHE A 325 12.55 -15.24 -8.24
CA PHE A 325 13.81 -14.53 -8.04
C PHE A 325 14.54 -14.34 -9.34
N LYS A 326 14.41 -15.29 -10.28
CA LYS A 326 15.14 -15.20 -11.53
C LYS A 326 14.60 -14.07 -12.39
N LYS A 327 13.28 -13.84 -12.34
CA LYS A 327 12.72 -12.70 -13.05
C LYS A 327 13.25 -11.39 -12.47
N THR A 328 13.35 -11.31 -11.14
CA THR A 328 13.91 -10.11 -10.54
C THR A 328 15.39 -9.96 -10.87
N PHE A 329 16.10 -11.08 -11.02
CA PHE A 329 17.48 -11.03 -11.47
C PHE A 329 17.57 -10.43 -12.86
N LYS A 330 16.68 -10.86 -13.74
CA LYS A 330 16.66 -10.31 -15.09
C LYS A 330 16.39 -8.81 -15.06
N HIS A 331 15.41 -8.39 -14.26
CA HIS A 331 15.11 -6.96 -14.17
C HIS A 331 16.29 -6.17 -13.62
N LEU A 332 16.94 -6.70 -12.59
CA LEU A 332 18.06 -6.00 -11.97
C LEU A 332 19.24 -5.88 -12.94
N LEU A 333 19.60 -6.97 -13.61
CA LEU A 333 20.74 -6.93 -14.52
C LEU A 333 20.45 -6.04 -15.73
N MET A 334 19.25 -6.18 -16.32
CA MET A 334 18.92 -5.36 -17.48
C MET A 334 18.83 -3.88 -17.12
N CYS A 335 18.20 -3.56 -15.99
CA CYS A 335 18.03 -2.17 -15.59
C CYS A 335 19.09 -1.74 -14.58
N THR B 4 15.36 13.93 18.72
CA THR B 4 16.44 14.40 17.85
C THR B 4 15.90 15.37 16.82
N LEU B 5 15.76 16.64 17.24
CA LEU B 5 15.24 17.76 16.49
C LEU B 5 13.71 17.71 16.35
N SER B 6 13.06 16.62 16.77
CA SER B 6 11.61 16.54 16.69
C SER B 6 10.98 17.24 17.88
N ALA B 7 9.92 18.03 17.62
CA ALA B 7 9.24 18.78 18.70
C ALA B 7 7.72 18.72 18.51
N GLU B 8 7.03 17.90 19.31
CA GLU B 8 5.55 17.71 19.20
C GLU B 8 5.21 16.81 17.99
N ASP B 9 6.22 16.47 17.18
CA ASP B 9 6.00 15.54 16.03
C ASP B 9 6.27 14.14 16.57
N LYS B 10 6.83 14.05 17.77
CA LYS B 10 7.13 12.74 18.40
C LYS B 10 5.80 12.00 18.61
N ALA B 11 4.74 12.73 18.96
CA ALA B 11 3.41 12.10 19.15
C ALA B 11 2.94 11.50 17.85
N ALA B 12 2.81 12.29 16.84
CA ALA B 12 2.43 11.98 15.47
C ALA B 12 3.07 10.67 15.02
N VAL B 13 4.34 10.48 15.36
CA VAL B 13 5.04 9.27 14.92
C VAL B 13 4.53 8.06 15.69
N GLU B 14 4.20 8.26 16.96
CA GLU B 14 3.59 7.18 17.74
C GLU B 14 2.27 6.74 17.11
N ARG B 15 1.44 7.71 16.72
CA ARG B 15 0.17 7.40 16.07
C ARG B 15 0.39 6.70 14.74
N SER B 16 1.41 7.13 14.00
CA SER B 16 1.71 6.50 12.72
C SER B 16 2.11 5.05 12.89
N LYS B 17 2.97 4.76 13.86
CA LYS B 17 3.31 3.36 14.09
C LYS B 17 2.14 2.56 14.65
N MET B 18 1.26 3.19 15.44
CA MET B 18 0.07 2.48 15.91
C MET B 18 -0.80 2.04 14.73
N ILE B 19 -1.05 2.95 13.78
CA ILE B 19 -1.88 2.57 12.65
C ILE B 19 -1.14 1.62 11.73
N GLU B 20 0.19 1.70 11.68
CA GLU B 20 0.96 0.69 10.95
C GLU B 20 0.74 -0.69 11.54
N LYS B 21 0.75 -0.78 12.87
CA LYS B 21 0.50 -2.07 13.51
C LYS B 21 -0.90 -2.57 13.21
N ASN B 22 -1.89 -1.68 13.22
CA ASN B 22 -3.25 -2.10 12.89
C ASN B 22 -3.35 -2.62 11.46
N LEU B 23 -2.72 -1.93 10.51
CA LEU B 23 -2.71 -2.40 9.13
C LEU B 23 -2.05 -3.77 9.01
N LYS B 24 -0.91 -3.95 9.66
CA LYS B 24 -0.21 -5.23 9.55
C LYS B 24 -1.05 -6.36 10.13
N GLU B 25 -1.64 -6.14 11.30
CA GLU B 25 -2.46 -7.17 11.92
C GLU B 25 -3.69 -7.48 11.09
N ASP B 26 -4.32 -6.45 10.52
CA ASP B 26 -5.49 -6.69 9.67
C ASP B 26 -5.11 -7.49 8.44
N GLY B 27 -3.95 -7.18 7.84
CA GLY B 27 -3.51 -7.97 6.70
C GLY B 27 -3.24 -9.42 7.05
N ILE B 28 -2.59 -9.66 8.18
CA ILE B 28 -2.32 -11.02 8.61
C ILE B 28 -3.62 -11.78 8.85
N SER B 29 -4.58 -11.14 9.50
CA SER B 29 -5.85 -11.80 9.75
C SER B 29 -6.69 -11.97 8.49
N ALA B 30 -6.49 -11.12 7.48
CA ALA B 30 -7.27 -11.17 6.27
C ALA B 30 -6.60 -11.95 5.15
N ALA B 31 -5.42 -12.50 5.39
CA ALA B 31 -4.80 -13.42 4.45
C ALA B 31 -5.20 -14.87 4.72
N LYS B 32 -6.11 -15.10 5.67
CA LYS B 32 -6.53 -16.43 6.05
C LYS B 32 -7.83 -16.85 5.38
N ASP B 33 -8.31 -16.08 4.41
CA ASP B 33 -9.57 -16.37 3.73
C ASP B 33 -9.31 -16.72 2.28
N VAL B 34 -9.97 -17.77 1.80
CA VAL B 34 -9.86 -18.15 0.39
C VAL B 34 -10.77 -17.27 -0.45
N LYS B 35 -10.29 -16.86 -1.61
CA LYS B 35 -11.05 -16.02 -2.52
C LYS B 35 -11.34 -16.80 -3.80
N LEU B 36 -12.62 -16.90 -4.15
CA LEU B 36 -13.04 -17.63 -5.34
C LEU B 36 -13.90 -16.74 -6.21
N LEU B 37 -13.83 -16.95 -7.53
CA LEU B 37 -14.63 -16.17 -8.48
C LEU B 37 -15.52 -17.11 -9.28
N LEU B 38 -16.82 -16.84 -9.28
CA LEU B 38 -17.81 -17.72 -9.91
C LEU B 38 -18.26 -17.12 -11.23
N LEU B 39 -17.97 -17.82 -12.32
CA LEU B 39 -18.37 -17.39 -13.66
C LEU B 39 -19.35 -18.39 -14.24
N GLY B 40 -19.73 -18.16 -15.49
CA GLY B 40 -20.68 -19.03 -16.16
C GLY B 40 -21.22 -18.34 -17.39
N ALA B 41 -22.21 -19.00 -17.99
CA ALA B 41 -22.92 -18.48 -19.15
C ALA B 41 -24.37 -18.22 -18.78
N GLY B 42 -25.16 -17.80 -19.76
CA GLY B 42 -26.58 -17.61 -19.55
C GLY B 42 -27.28 -18.92 -19.23
N GLU B 43 -28.04 -18.94 -18.14
CA GLU B 43 -28.73 -20.14 -17.68
C GLU B 43 -27.77 -21.30 -17.50
N SER B 44 -26.62 -21.01 -16.91
CA SER B 44 -25.59 -22.01 -16.70
C SER B 44 -25.79 -22.82 -15.43
N GLY B 45 -26.83 -22.54 -14.66
CA GLY B 45 -27.03 -23.23 -13.42
C GLY B 45 -26.16 -22.75 -12.28
N LYS B 46 -25.51 -21.59 -12.42
CA LYS B 46 -24.69 -21.07 -11.33
C LYS B 46 -25.53 -20.69 -10.13
N SER B 47 -26.82 -20.46 -10.31
CA SER B 47 -27.70 -20.23 -9.17
C SER B 47 -28.02 -21.50 -8.41
N THR B 48 -27.76 -22.67 -9.00
CA THR B 48 -28.09 -23.92 -8.32
C THR B 48 -27.07 -24.25 -7.23
N ILE B 49 -25.80 -23.95 -7.45
CA ILE B 49 -24.78 -24.31 -6.48
C ILE B 49 -24.47 -23.20 -5.48
N VAL B 50 -24.89 -21.96 -5.76
CA VAL B 50 -24.71 -20.91 -4.78
C VAL B 50 -25.60 -21.13 -3.57
N LYS B 51 -26.81 -21.64 -3.79
CA LYS B 51 -27.70 -21.94 -2.67
C LYS B 51 -27.32 -23.21 -1.95
N GLN B 52 -26.59 -24.11 -2.60
CA GLN B 52 -26.18 -25.35 -1.96
C GLN B 52 -25.12 -25.11 -0.88
N MET B 53 -24.57 -23.91 -0.80
CA MET B 53 -23.62 -23.56 0.25
C MET B 53 -24.38 -22.96 1.43
N LYS B 54 -24.19 -23.55 2.61
CA LYS B 54 -24.88 -23.13 3.82
C LYS B 54 -23.86 -22.58 4.81
N ILE B 55 -24.20 -21.45 5.44
CA ILE B 55 -23.33 -20.81 6.42
C ILE B 55 -23.15 -21.71 7.63
N THR B 183 -27.55 -4.89 -5.99
CA THR B 183 -26.91 -4.75 -7.29
C THR B 183 -25.41 -4.58 -7.09
N GLY B 184 -24.61 -5.14 -7.99
CA GLY B 184 -23.16 -5.09 -7.86
C GLY B 184 -22.59 -6.46 -7.57
N ILE B 185 -21.48 -6.51 -6.87
CA ILE B 185 -20.86 -7.78 -6.51
C ILE B 185 -21.65 -8.43 -5.39
N VAL B 186 -21.95 -9.71 -5.53
CA VAL B 186 -22.66 -10.47 -4.52
C VAL B 186 -21.67 -11.43 -3.88
N GLU B 187 -21.31 -11.16 -2.62
CA GLU B 187 -20.32 -11.95 -1.91
C GLU B 187 -21.02 -12.88 -0.93
N THR B 188 -20.71 -14.17 -1.04
CA THR B 188 -21.26 -15.19 -0.16
C THR B 188 -20.14 -15.75 0.71
N HIS B 189 -20.44 -15.94 1.99
CA HIS B 189 -19.45 -16.31 2.99
C HIS B 189 -19.85 -17.65 3.59
N PHE B 190 -18.89 -18.57 3.69
CA PHE B 190 -19.13 -19.80 4.43
C PHE B 190 -17.81 -20.37 4.92
N THR B 191 -17.90 -21.16 5.98
CA THR B 191 -16.76 -21.85 6.54
C THR B 191 -17.03 -23.35 6.55
N PHE B 192 -16.03 -24.12 6.13
CA PHE B 192 -16.17 -25.57 6.10
C PHE B 192 -14.88 -26.20 6.59
N LYS B 193 -15.01 -27.14 7.53
CA LYS B 193 -13.88 -27.86 8.07
C LYS B 193 -12.80 -26.89 8.57
N ASN B 194 -13.26 -25.85 9.28
CA ASN B 194 -12.39 -24.81 9.82
C ASN B 194 -11.53 -24.17 8.72
N LEU B 195 -12.21 -23.58 7.74
CA LEU B 195 -11.54 -22.86 6.67
C LEU B 195 -12.49 -21.82 6.10
N HIS B 196 -12.01 -20.58 6.07
CA HIS B 196 -12.77 -19.47 5.52
C HIS B 196 -12.98 -19.65 4.02
N PHE B 197 -14.10 -19.15 3.49
CA PHE B 197 -14.33 -19.11 2.06
C PHE B 197 -15.06 -17.82 1.71
N ARG B 198 -14.83 -17.33 0.50
CA ARG B 198 -15.50 -16.15 -0.03
C ARG B 198 -15.79 -16.36 -1.50
N LEU B 199 -17.05 -16.26 -1.89
CA LEU B 199 -17.48 -16.53 -3.26
C LEU B 199 -18.03 -15.24 -3.84
N PHE B 200 -17.43 -14.77 -4.93
CA PHE B 200 -17.71 -13.44 -5.45
C PHE B 200 -18.46 -13.57 -6.78
N ASP B 201 -19.79 -13.60 -6.70
CA ASP B 201 -20.61 -13.58 -7.90
C ASP B 201 -20.58 -12.18 -8.52
N VAL B 202 -20.31 -12.13 -9.82
CA VAL B 202 -20.11 -10.87 -10.52
C VAL B 202 -20.98 -10.86 -11.77
N GLY B 203 -21.90 -11.81 -11.87
CA GLY B 203 -22.78 -11.88 -13.01
C GLY B 203 -23.77 -10.74 -13.10
N GLY B 204 -23.88 -9.92 -12.07
CA GLY B 204 -24.74 -8.77 -12.08
C GLY B 204 -24.19 -7.56 -12.80
N GLN B 205 -22.98 -7.66 -13.33
CA GLN B 205 -22.34 -6.56 -14.05
C GLN B 205 -22.72 -6.65 -15.52
N ARG B 206 -23.37 -5.61 -16.03
CA ARG B 206 -23.78 -5.53 -17.43
C ARG B 206 -22.96 -4.42 -18.08
N SER B 207 -21.76 -4.78 -18.53
CA SER B 207 -20.83 -3.84 -19.13
C SER B 207 -19.70 -4.65 -19.75
N GLU B 208 -18.70 -3.95 -20.28
CA GLU B 208 -17.56 -4.62 -20.88
C GLU B 208 -16.79 -5.39 -19.81
N ARG B 209 -16.52 -6.67 -20.09
CA ARG B 209 -15.84 -7.48 -19.11
C ARG B 209 -14.38 -7.13 -18.97
N LYS B 210 -13.75 -6.67 -20.03
CA LYS B 210 -12.30 -6.47 -20.02
C LYS B 210 -11.87 -5.31 -19.17
N LYS B 211 -12.77 -4.67 -18.43
CA LYS B 211 -12.39 -3.54 -17.60
C LYS B 211 -12.23 -3.89 -16.12
N TRP B 212 -13.01 -4.83 -15.62
CA TRP B 212 -13.02 -5.18 -14.21
C TRP B 212 -12.54 -6.59 -13.91
N ILE B 213 -12.17 -7.37 -14.92
CA ILE B 213 -11.61 -8.70 -14.65
C ILE B 213 -10.28 -8.58 -13.92
N HIS B 214 -9.49 -7.55 -14.26
CA HIS B 214 -8.16 -7.45 -13.66
C HIS B 214 -8.22 -7.13 -12.17
N CYS B 215 -9.34 -6.61 -11.68
CA CYS B 215 -9.51 -6.46 -10.25
C CYS B 215 -9.55 -7.79 -9.53
N PHE B 216 -9.84 -8.87 -10.25
CA PHE B 216 -9.98 -10.20 -9.66
C PHE B 216 -8.76 -11.07 -9.91
N GLU B 217 -7.63 -10.46 -10.23
CA GLU B 217 -6.37 -11.19 -10.23
C GLU B 217 -6.00 -11.54 -8.79
N ASP B 218 -5.12 -12.53 -8.65
CA ASP B 218 -4.64 -13.00 -7.34
C ASP B 218 -5.79 -13.59 -6.54
N VAL B 219 -6.75 -14.19 -7.23
CA VAL B 219 -7.77 -15.03 -6.58
C VAL B 219 -7.22 -16.45 -6.52
N THR B 220 -7.85 -17.31 -5.73
CA THR B 220 -7.37 -18.67 -5.61
C THR B 220 -7.91 -19.58 -6.71
N ALA B 221 -9.17 -19.42 -7.11
CA ALA B 221 -9.72 -20.31 -8.12
C ALA B 221 -10.90 -19.65 -8.81
N ILE B 222 -11.15 -20.11 -10.04
CA ILE B 222 -12.32 -19.71 -10.81
C ILE B 222 -13.23 -20.92 -10.92
N ILE B 223 -14.46 -20.77 -10.42
CA ILE B 223 -15.46 -21.83 -10.52
C ILE B 223 -16.27 -21.55 -11.78
N PHE B 224 -16.18 -22.45 -12.74
CA PHE B 224 -16.84 -22.32 -14.03
C PHE B 224 -17.93 -23.37 -14.12
N CYS B 225 -19.16 -22.93 -14.31
CA CYS B 225 -20.32 -23.81 -14.39
C CYS B 225 -20.77 -23.89 -15.84
N VAL B 226 -20.97 -25.12 -16.32
CA VAL B 226 -21.41 -25.36 -17.69
C VAL B 226 -22.64 -26.26 -17.65
N ALA B 227 -23.68 -25.87 -18.38
CA ALA B 227 -24.89 -26.68 -18.47
C ALA B 227 -24.68 -27.79 -19.47
N LEU B 228 -24.87 -29.03 -19.03
CA LEU B 228 -24.66 -30.17 -19.92
C LEU B 228 -25.73 -30.28 -20.99
N SER B 229 -26.81 -29.52 -20.89
CA SER B 229 -27.84 -29.55 -21.92
C SER B 229 -27.33 -28.87 -23.19
N GLY B 230 -26.78 -29.67 -24.10
CA GLY B 230 -26.01 -29.13 -25.20
C GLY B 230 -26.57 -29.38 -26.58
N TYR B 231 -27.88 -29.23 -26.74
CA TYR B 231 -28.52 -29.43 -28.03
C TYR B 231 -29.56 -28.35 -28.30
N ASP B 232 -29.34 -27.13 -27.80
CA ASP B 232 -30.28 -26.03 -27.90
C ASP B 232 -29.61 -24.82 -28.53
N GLN B 233 -30.41 -23.79 -28.81
CA GLN B 233 -29.91 -22.53 -29.33
C GLN B 233 -30.29 -21.41 -28.36
N VAL B 234 -29.49 -20.35 -28.37
CA VAL B 234 -29.70 -19.22 -27.47
C VAL B 234 -30.77 -18.28 -28.03
N THR B 241 -26.52 -20.66 -32.99
CA THR B 241 -25.48 -20.57 -31.98
C THR B 241 -25.78 -21.49 -30.81
N ASN B 242 -25.23 -22.71 -30.88
CA ASN B 242 -25.43 -23.69 -29.82
C ASN B 242 -24.89 -23.17 -28.50
N ARG B 243 -25.59 -23.49 -27.41
CA ARG B 243 -25.19 -22.98 -26.10
C ARG B 243 -23.81 -23.50 -25.72
N MET B 244 -23.51 -24.74 -26.09
CA MET B 244 -22.18 -25.28 -25.85
C MET B 244 -21.11 -24.48 -26.56
N HIS B 245 -21.41 -23.93 -27.73
CA HIS B 245 -20.38 -23.18 -28.44
C HIS B 245 -20.10 -21.86 -27.74
N GLU B 246 -21.14 -21.21 -27.22
CA GLU B 246 -20.91 -20.03 -26.39
C GLU B 246 -20.10 -20.38 -25.16
N SER B 247 -20.39 -21.53 -24.54
CA SER B 247 -19.63 -21.95 -23.37
C SER B 247 -18.17 -22.20 -23.70
N LEU B 248 -17.91 -22.88 -24.82
CA LEU B 248 -16.52 -23.13 -25.21
C LEU B 248 -15.78 -21.85 -25.53
N MET B 249 -16.42 -20.93 -26.24
CA MET B 249 -15.77 -19.67 -26.54
C MET B 249 -15.45 -18.90 -25.27
N LEU B 250 -16.40 -18.84 -24.34
CA LEU B 250 -16.15 -18.12 -23.09
C LEU B 250 -15.03 -18.78 -22.29
N PHE B 251 -15.02 -20.12 -22.23
CA PHE B 251 -13.98 -20.81 -21.48
C PHE B 251 -12.62 -20.58 -22.10
N ASP B 252 -12.54 -20.62 -23.44
CA ASP B 252 -11.27 -20.34 -24.10
C ASP B 252 -10.83 -18.91 -23.82
N SER B 253 -11.76 -17.96 -23.84
CA SER B 253 -11.39 -16.58 -23.60
C SER B 253 -10.88 -16.38 -22.18
N ILE B 254 -11.51 -17.03 -21.21
CA ILE B 254 -11.13 -16.80 -19.82
C ILE B 254 -9.93 -17.63 -19.41
N CYS B 255 -9.60 -18.69 -20.15
CA CYS B 255 -8.46 -19.51 -19.78
C CYS B 255 -7.16 -19.04 -20.40
N ASN B 256 -7.23 -18.34 -21.53
CA ASN B 256 -6.06 -17.77 -22.18
C ASN B 256 -5.95 -16.27 -21.96
N ASN B 257 -6.72 -15.71 -21.02
CA ASN B 257 -6.55 -14.32 -20.65
C ASN B 257 -5.17 -14.12 -20.04
N LYS B 258 -4.59 -12.94 -20.29
CA LYS B 258 -3.23 -12.69 -19.85
C LYS B 258 -3.11 -12.64 -18.34
N PHE B 259 -4.16 -12.20 -17.64
CA PHE B 259 -4.11 -12.09 -16.19
C PHE B 259 -4.24 -13.44 -15.51
N PHE B 260 -5.08 -14.32 -16.05
CA PHE B 260 -5.31 -15.64 -15.49
C PHE B 260 -4.47 -16.71 -16.18
N ILE B 261 -3.26 -16.36 -16.63
CA ILE B 261 -2.41 -17.34 -17.28
C ILE B 261 -1.99 -18.46 -16.33
N ASP B 262 -2.09 -18.24 -15.03
CA ASP B 262 -1.68 -19.26 -14.07
C ASP B 262 -2.65 -19.36 -12.90
N THR B 263 -3.94 -19.12 -13.11
CA THR B 263 -4.96 -19.26 -12.08
C THR B 263 -5.86 -20.44 -12.42
N SER B 264 -6.08 -21.32 -11.44
CA SER B 264 -6.71 -22.60 -11.72
C SER B 264 -8.24 -22.49 -11.77
N ILE B 265 -8.85 -23.50 -12.38
CA ILE B 265 -10.28 -23.53 -12.64
C ILE B 265 -10.86 -24.82 -12.07
N ILE B 266 -11.91 -24.68 -11.28
CA ILE B 266 -12.77 -25.80 -10.88
C ILE B 266 -13.97 -25.79 -11.81
N LEU B 267 -14.17 -26.89 -12.53
CA LEU B 267 -15.19 -26.96 -13.56
C LEU B 267 -16.32 -27.85 -13.08
N PHE B 268 -17.52 -27.29 -13.01
CA PHE B 268 -18.74 -28.01 -12.68
C PHE B 268 -19.56 -28.17 -13.95
N LEU B 269 -19.99 -29.39 -14.22
CA LEU B 269 -20.86 -29.69 -15.35
C LEU B 269 -22.22 -30.07 -14.78
N ASN B 270 -23.11 -29.08 -14.70
CA ASN B 270 -24.38 -29.28 -14.02
C ASN B 270 -25.38 -29.99 -14.93
N LYS B 271 -26.52 -30.31 -14.34
CA LYS B 271 -27.66 -30.90 -15.05
C LYS B 271 -27.27 -32.20 -15.75
N LYS B 272 -26.72 -33.10 -14.92
CA LYS B 272 -26.24 -34.42 -15.40
C LYS B 272 -27.39 -35.38 -15.49
N ASP B 273 -28.56 -34.93 -15.09
CA ASP B 273 -29.74 -35.82 -15.09
C ASP B 273 -30.43 -35.55 -16.40
N LEU B 274 -30.87 -34.33 -16.55
CA LEU B 274 -31.60 -33.86 -17.72
C LEU B 274 -30.86 -34.24 -18.99
N PHE B 275 -29.54 -34.08 -18.99
CA PHE B 275 -28.73 -34.48 -20.13
C PHE B 275 -28.85 -35.99 -20.38
N GLY B 276 -28.86 -36.78 -19.30
CA GLY B 276 -29.01 -38.21 -19.48
C GLY B 276 -30.34 -38.57 -20.10
N GLU B 277 -31.40 -37.89 -19.67
CA GLU B 277 -32.71 -38.12 -20.28
C GLU B 277 -32.72 -37.72 -21.75
N LYS B 278 -32.08 -36.59 -22.07
CA LYS B 278 -32.17 -36.05 -23.42
C LYS B 278 -31.30 -36.80 -24.42
N ILE B 279 -30.21 -37.43 -23.97
CA ILE B 279 -29.27 -38.00 -24.92
C ILE B 279 -29.89 -39.14 -25.72
N LYS B 280 -30.86 -39.84 -25.15
CA LYS B 280 -31.44 -40.99 -25.84
C LYS B 280 -32.16 -40.56 -27.11
N LYS B 281 -32.91 -39.45 -27.05
CA LYS B 281 -33.75 -39.05 -28.17
C LYS B 281 -33.00 -38.29 -29.25
N SER B 282 -31.88 -37.67 -28.94
CA SER B 282 -31.17 -36.85 -29.92
C SER B 282 -29.70 -37.22 -29.96
N PRO B 283 -29.07 -37.13 -31.12
CA PRO B 283 -27.65 -37.50 -31.22
C PRO B 283 -26.74 -36.36 -30.83
N LEU B 284 -25.60 -36.73 -30.24
CA LEU B 284 -24.61 -35.74 -29.86
C LEU B 284 -23.98 -35.06 -31.06
N THR B 285 -24.04 -35.70 -32.24
CA THR B 285 -23.39 -35.15 -33.42
C THR B 285 -24.00 -33.81 -33.84
N ILE B 286 -25.20 -33.49 -33.36
CA ILE B 286 -25.79 -32.21 -33.72
C ILE B 286 -24.98 -31.06 -33.13
N CYS B 287 -24.42 -31.26 -31.94
CA CYS B 287 -23.61 -30.22 -31.32
C CYS B 287 -22.20 -30.20 -31.89
N PHE B 288 -21.53 -31.35 -31.87
CA PHE B 288 -20.19 -31.50 -32.42
C PHE B 288 -20.26 -32.46 -33.60
N PRO B 289 -20.30 -31.96 -34.83
CA PRO B 289 -20.40 -32.87 -35.98
C PRO B 289 -19.25 -33.84 -36.11
N GLU B 290 -18.04 -33.48 -35.65
CA GLU B 290 -16.89 -34.35 -35.80
C GLU B 290 -16.98 -35.61 -34.97
N TYR B 291 -17.87 -35.66 -33.99
CA TYR B 291 -17.87 -36.77 -33.04
C TYR B 291 -18.30 -38.08 -33.69
N THR B 292 -17.62 -39.15 -33.32
CA THR B 292 -18.01 -40.50 -33.70
C THR B 292 -17.76 -41.42 -32.52
N GLY B 293 -18.79 -42.13 -32.08
CA GLY B 293 -18.71 -42.97 -30.91
C GLY B 293 -20.07 -43.26 -30.31
N PRO B 294 -20.07 -44.00 -29.21
CA PRO B 294 -21.34 -44.41 -28.61
C PRO B 294 -22.19 -43.23 -28.18
N ASN B 295 -23.50 -43.40 -28.24
CA ASN B 295 -24.45 -42.37 -27.82
C ASN B 295 -24.88 -42.54 -26.37
N THR B 296 -24.04 -43.13 -25.54
CA THR B 296 -24.37 -43.31 -24.13
C THR B 296 -23.90 -42.12 -23.29
N TYR B 297 -24.40 -42.06 -22.07
CA TYR B 297 -23.99 -41.02 -21.13
C TYR B 297 -22.49 -41.05 -20.86
N GLU B 298 -21.99 -42.22 -20.47
CA GLU B 298 -20.64 -42.32 -19.91
C GLU B 298 -19.57 -41.91 -20.90
N ASP B 299 -19.86 -41.89 -22.20
CA ASP B 299 -18.87 -41.47 -23.17
C ASP B 299 -19.13 -40.07 -23.72
N ALA B 300 -20.40 -39.69 -23.88
CA ALA B 300 -20.69 -38.34 -24.34
C ALA B 300 -20.24 -37.30 -23.32
N ALA B 301 -20.48 -37.56 -22.03
CA ALA B 301 -20.00 -36.64 -21.02
C ALA B 301 -18.48 -36.52 -21.06
N ALA B 302 -17.79 -37.64 -21.21
CA ALA B 302 -16.34 -37.62 -21.27
C ALA B 302 -15.85 -36.82 -22.46
N TYR B 303 -16.51 -36.97 -23.61
CA TYR B 303 -16.09 -36.22 -24.79
C TYR B 303 -16.26 -34.72 -24.58
N ILE B 304 -17.39 -34.31 -23.99
CA ILE B 304 -17.58 -32.90 -23.69
C ILE B 304 -16.51 -32.40 -22.74
N GLN B 305 -16.23 -33.16 -21.69
CA GLN B 305 -15.24 -32.77 -20.71
C GLN B 305 -13.87 -32.60 -21.34
N ALA B 306 -13.48 -33.53 -22.21
CA ALA B 306 -12.17 -33.46 -22.85
C ALA B 306 -12.10 -32.29 -23.82
N GLN B 307 -13.17 -32.05 -24.56
CA GLN B 307 -13.18 -30.90 -25.47
C GLN B 307 -13.03 -29.59 -24.70
N PHE B 308 -13.62 -29.51 -23.51
CA PHE B 308 -13.40 -28.35 -22.66
C PHE B 308 -11.95 -28.28 -22.19
N GLU B 309 -11.44 -29.40 -21.66
CA GLU B 309 -10.09 -29.43 -21.10
C GLU B 309 -9.01 -29.10 -22.12
N SER B 310 -9.29 -29.32 -23.39
CA SER B 310 -8.27 -29.11 -24.42
C SER B 310 -8.05 -27.65 -24.74
N LYS B 311 -8.53 -26.72 -23.91
CA LYS B 311 -8.39 -25.30 -24.18
C LYS B 311 -7.27 -24.64 -23.41
N ASN B 312 -6.54 -25.36 -22.57
CA ASN B 312 -5.48 -24.77 -21.77
C ASN B 312 -4.11 -25.14 -22.34
N ARG B 313 -3.21 -24.17 -22.35
CA ARG B 313 -1.88 -24.36 -22.89
C ARG B 313 -0.77 -24.02 -21.90
N SER B 314 -1.09 -23.44 -20.75
CA SER B 314 -0.08 -23.20 -19.75
C SER B 314 0.38 -24.54 -19.15
N PRO B 315 1.64 -24.64 -18.75
CA PRO B 315 2.12 -25.87 -18.10
C PRO B 315 1.97 -25.90 -16.60
N ASN B 316 1.54 -24.81 -15.98
CA ASN B 316 1.45 -24.71 -14.53
C ASN B 316 0.05 -25.01 -14.02
N LYS B 317 -0.96 -24.29 -14.50
CA LYS B 317 -2.29 -24.37 -13.93
C LYS B 317 -2.97 -25.69 -14.32
N GLU B 318 -4.18 -25.88 -13.80
CA GLU B 318 -4.84 -27.15 -13.97
C GLU B 318 -6.35 -26.92 -13.89
N ILE B 319 -7.11 -27.87 -14.43
CA ILE B 319 -8.56 -27.83 -14.43
C ILE B 319 -9.06 -29.03 -13.64
N TYR B 320 -9.87 -28.78 -12.62
CA TYR B 320 -10.48 -29.82 -11.80
C TYR B 320 -11.94 -29.96 -12.19
N CYS B 321 -12.37 -31.20 -12.43
CA CYS B 321 -13.67 -31.45 -13.04
C CYS B 321 -14.56 -32.26 -12.13
N HIS B 322 -15.86 -32.00 -12.23
CA HIS B 322 -16.87 -32.71 -11.45
C HIS B 322 -18.20 -32.56 -12.18
N MET B 323 -19.07 -33.52 -11.99
CA MET B 323 -20.34 -33.55 -12.73
C MET B 323 -21.52 -33.51 -11.79
N THR B 324 -21.68 -32.43 -11.06
CA THR B 324 -22.72 -32.37 -10.01
C THR B 324 -24.10 -32.58 -10.56
N CYS B 325 -24.94 -33.26 -9.77
CA CYS B 325 -26.35 -33.52 -10.16
C CYS B 325 -27.17 -32.28 -9.83
N ALA B 326 -28.45 -32.28 -10.20
CA ALA B 326 -29.30 -31.13 -9.85
C ALA B 326 -29.35 -30.93 -8.32
N THR B 327 -29.52 -32.00 -7.54
CA THR B 327 -29.60 -31.88 -6.06
C THR B 327 -28.76 -32.96 -5.38
N ASP B 328 -27.44 -32.86 -5.45
CA ASP B 328 -26.55 -33.86 -4.80
C ASP B 328 -26.36 -33.39 -3.36
N THR B 329 -26.09 -34.33 -2.45
CA THR B 329 -25.98 -33.95 -1.01
C THR B 329 -24.73 -33.12 -0.69
N ASN B 330 -23.55 -33.50 -1.18
CA ASN B 330 -22.34 -32.74 -0.75
C ASN B 330 -21.33 -32.57 -1.86
N ASN B 331 -21.27 -31.36 -2.41
CA ASN B 331 -20.18 -31.07 -3.32
C ASN B 331 -19.36 -29.87 -2.87
N ILE B 332 -19.55 -29.39 -1.64
CA ILE B 332 -18.59 -28.47 -1.06
C ILE B 332 -17.28 -29.17 -0.76
N GLN B 333 -17.31 -30.49 -0.60
CA GLN B 333 -16.09 -31.24 -0.35
C GLN B 333 -15.16 -31.19 -1.55
N VAL B 334 -15.72 -31.21 -2.77
CA VAL B 334 -14.87 -31.12 -3.96
C VAL B 334 -14.14 -29.78 -4.00
N VAL B 335 -14.85 -28.70 -3.65
CA VAL B 335 -14.22 -27.39 -3.60
C VAL B 335 -13.12 -27.36 -2.54
N PHE B 336 -13.38 -27.98 -1.39
CA PHE B 336 -12.37 -28.03 -0.33
C PHE B 336 -11.11 -28.74 -0.81
N ASP B 337 -11.28 -29.90 -1.45
CA ASP B 337 -10.12 -30.64 -1.91
C ASP B 337 -9.35 -29.87 -2.98
N ALA B 338 -10.07 -29.26 -3.92
CA ALA B 338 -9.39 -28.51 -4.97
C ALA B 338 -8.60 -27.34 -4.40
N VAL B 339 -9.18 -26.61 -3.44
CA VAL B 339 -8.45 -25.48 -2.89
C VAL B 339 -7.25 -25.95 -2.06
N THR B 340 -7.36 -27.09 -1.36
CA THR B 340 -6.19 -27.60 -0.66
C THR B 340 -5.06 -27.91 -1.63
N ASP B 341 -5.40 -28.54 -2.76
CA ASP B 341 -4.35 -28.86 -3.73
C ASP B 341 -3.73 -27.60 -4.31
N ILE B 342 -4.54 -26.58 -4.58
CA ILE B 342 -3.99 -25.33 -5.10
C ILE B 342 -3.04 -24.70 -4.10
N ILE B 343 -3.41 -24.70 -2.82
CA ILE B 343 -2.53 -24.10 -1.80
C ILE B 343 -1.22 -24.88 -1.71
N ILE B 344 -1.28 -26.20 -1.77
CA ILE B 344 -0.04 -26.99 -1.71
C ILE B 344 0.86 -26.65 -2.88
N ALA B 345 0.30 -26.59 -4.08
CA ALA B 345 1.12 -26.26 -5.25
C ALA B 345 1.72 -24.87 -5.13
N ASN B 346 0.94 -23.90 -4.65
CA ASN B 346 1.46 -22.54 -4.51
C ASN B 346 2.58 -22.48 -3.50
N ASN B 347 2.43 -23.18 -2.37
CA ASN B 347 3.51 -23.23 -1.38
C ASN B 347 4.77 -23.83 -1.98
N LEU B 348 4.63 -24.94 -2.70
CA LEU B 348 5.79 -25.60 -3.26
C LEU B 348 6.51 -24.69 -4.26
N ARG B 349 5.77 -24.01 -5.11
CA ARG B 349 6.42 -23.11 -6.07
C ARG B 349 7.03 -21.91 -5.36
N GLY B 350 6.41 -21.43 -4.28
CA GLY B 350 6.97 -20.29 -3.57
C GLY B 350 8.28 -20.61 -2.88
N CYS B 351 8.37 -21.79 -2.27
CA CYS B 351 9.64 -22.18 -1.65
C CYS B 351 10.74 -22.41 -2.66
N GLY B 352 10.42 -22.48 -3.95
CA GLY B 352 11.39 -22.75 -4.99
C GLY B 352 11.58 -24.21 -5.28
N LEU B 353 10.95 -25.09 -4.52
CA LEU B 353 11.24 -26.51 -4.56
C LEU B 353 10.68 -27.22 -5.78
N TYR B 354 9.85 -26.54 -6.56
CA TYR B 354 9.00 -27.20 -7.55
C TYR B 354 9.82 -27.86 -8.64
N GLU C 8 -39.59 6.41 -41.82
CA GLU C 8 -38.96 7.72 -41.64
C GLU C 8 -37.58 7.58 -41.02
N LEU C 9 -37.23 6.36 -40.62
CA LEU C 9 -35.91 6.13 -40.02
C LEU C 9 -34.80 6.43 -41.01
N ASP C 10 -34.98 6.05 -42.27
CA ASP C 10 -33.99 6.37 -43.29
C ASP C 10 -33.87 7.88 -43.47
N GLN C 11 -34.99 8.60 -43.39
CA GLN C 11 -34.95 10.05 -43.52
C GLN C 11 -34.15 10.69 -42.38
N LEU C 12 -34.38 10.22 -41.16
CA LEU C 12 -33.61 10.75 -40.02
C LEU C 12 -32.13 10.38 -40.15
N ARG C 13 -31.84 9.18 -40.64
CA ARG C 13 -30.45 8.79 -40.86
C ARG C 13 -29.78 9.70 -41.88
N GLN C 14 -30.49 10.01 -42.97
CA GLN C 14 -29.94 10.92 -43.98
C GLN C 14 -29.73 12.31 -43.40
N GLU C 15 -30.67 12.78 -42.59
CA GLU C 15 -30.52 14.10 -41.96
C GLU C 15 -29.30 14.13 -41.04
N ALA C 16 -29.11 13.06 -40.27
CA ALA C 16 -27.94 13.00 -39.39
C ALA C 16 -26.65 12.96 -40.20
N GLU C 17 -26.64 12.21 -41.30
CA GLU C 17 -25.45 12.17 -42.14
C GLU C 17 -25.15 13.54 -42.73
N GLN C 18 -26.19 14.26 -43.17
CA GLN C 18 -25.99 15.61 -43.68
C GLN C 18 -25.44 16.54 -42.61
N LEU C 19 -25.99 16.45 -41.39
CA LEU C 19 -25.50 17.30 -40.31
C LEU C 19 -24.05 17.01 -39.98
N LYS C 20 -23.67 15.72 -39.95
CA LYS C 20 -22.29 15.38 -39.64
C LYS C 20 -21.35 15.82 -40.75
N ASN C 21 -21.80 15.72 -42.01
CA ASN C 21 -20.99 16.21 -43.12
C ASN C 21 -20.79 17.72 -43.02
N GLN C 22 -21.84 18.45 -42.64
CA GLN C 22 -21.72 19.89 -42.47
C GLN C 22 -20.71 20.23 -41.36
N ILE C 23 -20.80 19.51 -40.24
CA ILE C 23 -19.89 19.76 -39.13
C ILE C 23 -18.45 19.48 -39.54
N ARG C 24 -18.23 18.37 -40.26
CA ARG C 24 -16.89 18.03 -40.71
C ARG C 24 -16.35 19.09 -41.68
N ASP C 25 -17.20 19.55 -42.60
CA ASP C 25 -16.77 20.57 -43.55
C ASP C 25 -16.40 21.87 -42.83
N ALA C 26 -17.20 22.27 -41.84
CA ALA C 26 -16.88 23.47 -41.07
C ALA C 26 -15.56 23.31 -40.32
N ARG C 27 -15.36 22.14 -39.71
CA ARG C 27 -14.13 21.90 -38.96
C ARG C 27 -12.91 21.97 -39.88
N LYS C 28 -13.01 21.36 -41.07
CA LYS C 28 -11.90 21.44 -42.02
C LYS C 28 -11.68 22.87 -42.48
N ALA C 29 -12.76 23.63 -42.67
CA ALA C 29 -12.62 25.00 -43.14
C ALA C 29 -11.90 25.88 -42.12
N CYS C 30 -12.26 25.77 -40.84
CA CYS C 30 -11.67 26.63 -39.84
C CYS C 30 -10.21 26.28 -39.53
N ALA C 31 -9.70 25.16 -40.03
CA ALA C 31 -8.35 24.71 -39.74
C ALA C 31 -7.41 25.27 -40.79
N ASP C 32 -6.64 26.29 -40.43
CA ASP C 32 -5.71 26.91 -41.37
C ASP C 32 -4.30 26.31 -41.26
N ALA C 33 -3.70 26.37 -40.07
CA ALA C 33 -2.37 25.83 -39.86
C ALA C 33 -2.33 25.12 -38.51
N THR C 34 -1.43 24.16 -38.39
CA THR C 34 -1.32 23.37 -37.18
C THR C 34 -0.47 24.08 -36.13
N LEU C 35 -0.51 23.56 -34.91
CA LEU C 35 0.19 24.19 -33.80
C LEU C 35 1.70 24.13 -33.96
N SER C 36 2.21 23.07 -34.60
CA SER C 36 3.66 22.89 -34.68
C SER C 36 4.32 24.02 -35.45
N GLN C 37 3.69 24.47 -36.54
CA GLN C 37 4.28 25.53 -37.34
C GLN C 37 4.38 26.83 -36.56
N ILE C 38 3.36 27.15 -35.76
CA ILE C 38 3.45 28.32 -34.91
C ILE C 38 4.52 28.13 -33.84
N THR C 39 4.68 26.90 -33.35
CA THR C 39 5.68 26.61 -32.33
C THR C 39 6.98 26.08 -32.93
N ASN C 40 7.35 26.57 -34.11
CA ASN C 40 8.57 26.12 -34.78
C ASN C 40 9.80 26.82 -34.21
N ASN C 41 9.63 27.93 -33.50
CA ASN C 41 10.75 28.77 -33.09
C ASN C 41 11.19 28.53 -31.65
N ILE C 42 10.30 28.10 -30.77
CA ILE C 42 10.61 28.05 -29.34
C ILE C 42 11.69 27.01 -29.07
N ASP C 43 12.61 27.33 -28.17
CA ASP C 43 13.74 26.46 -27.89
C ASP C 43 13.30 25.24 -27.08
N PRO C 44 13.94 24.10 -27.30
CA PRO C 44 13.61 22.90 -26.53
C PRO C 44 13.93 23.07 -25.05
N VAL C 45 13.18 22.36 -24.20
CA VAL C 45 13.34 22.46 -22.77
C VAL C 45 14.41 21.52 -22.23
N GLY C 46 14.95 20.64 -23.05
CA GLY C 46 16.05 19.79 -22.65
C GLY C 46 15.62 18.65 -21.76
N ARG C 47 16.51 17.67 -21.63
CA ARG C 47 16.21 16.50 -20.83
C ARG C 47 15.92 16.90 -19.39
N ILE C 48 14.93 16.23 -18.80
CA ILE C 48 14.46 16.55 -17.46
C ILE C 48 14.92 15.46 -16.51
N GLN C 49 15.74 15.83 -15.54
CA GLN C 49 16.26 14.89 -14.56
C GLN C 49 15.36 14.91 -13.33
N MET C 50 14.85 13.73 -12.96
CA MET C 50 13.92 13.61 -11.84
C MET C 50 14.29 12.37 -11.04
N ARG C 51 14.53 12.55 -9.75
CA ARG C 51 14.94 11.46 -8.88
C ARG C 51 13.87 11.23 -7.82
N THR C 52 13.63 9.97 -7.51
CA THR C 52 12.65 9.60 -6.49
C THR C 52 13.08 10.16 -5.14
N ARG C 53 12.25 11.01 -4.54
CA ARG C 53 12.56 11.61 -3.25
C ARG C 53 11.97 10.80 -2.10
N ARG C 54 10.65 10.68 -2.06
CA ARG C 54 9.96 9.92 -1.02
C ARG C 54 9.38 8.65 -1.62
N THR C 55 9.38 7.59 -0.82
CA THR C 55 8.79 6.32 -1.22
C THR C 55 7.81 5.92 -0.12
N LEU C 56 6.53 6.21 -0.34
CA LEU C 56 5.49 5.92 0.65
C LEU C 56 5.11 4.45 0.55
N ARG C 57 5.34 3.70 1.63
CA ARG C 57 5.27 2.23 1.62
C ARG C 57 4.34 1.74 2.75
N GLY C 58 3.04 1.75 2.48
CA GLY C 58 2.12 1.29 3.51
C GLY C 58 1.13 0.21 3.13
N HIS C 59 0.76 0.12 1.86
CA HIS C 59 -0.36 -0.71 1.46
C HIS C 59 0.07 -2.17 1.39
N LEU C 60 -0.86 -3.03 0.98
CA LEU C 60 -0.61 -4.46 0.91
C LEU C 60 -1.12 -5.05 -0.39
N ALA C 61 -1.74 -4.21 -1.23
CA ALA C 61 -2.26 -4.65 -2.51
C ALA C 61 -2.04 -3.54 -3.52
N LYS C 62 -2.66 -3.66 -4.69
CA LYS C 62 -2.41 -2.72 -5.76
C LYS C 62 -3.22 -1.45 -5.57
N ILE C 63 -2.53 -0.31 -5.55
CA ILE C 63 -3.18 0.98 -5.41
C ILE C 63 -3.94 1.29 -6.69
N TYR C 64 -5.20 1.71 -6.56
CA TYR C 64 -5.96 2.05 -7.75
C TYR C 64 -6.18 3.53 -7.98
N ALA C 65 -6.13 4.37 -6.95
CA ALA C 65 -6.31 5.78 -7.16
C ALA C 65 -5.61 6.58 -6.08
N MET C 66 -5.35 7.84 -6.40
CA MET C 66 -4.81 8.82 -5.46
C MET C 66 -5.58 10.11 -5.65
N HIS C 67 -5.31 11.07 -4.79
CA HIS C 67 -5.68 12.45 -5.08
C HIS C 67 -4.95 13.36 -4.10
N TRP C 68 -4.36 14.42 -4.64
CA TRP C 68 -3.69 15.41 -3.81
C TRP C 68 -4.71 16.21 -3.02
N GLY C 69 -4.22 16.88 -1.98
CA GLY C 69 -5.00 17.85 -1.27
C GLY C 69 -4.96 19.20 -1.96
N THR C 70 -5.46 20.20 -1.27
CA THR C 70 -5.41 21.56 -1.79
C THR C 70 -4.16 22.30 -1.32
N ASP C 71 -3.63 21.93 -0.16
CA ASP C 71 -2.47 22.59 0.42
C ASP C 71 -1.16 22.01 -0.06
N SER C 72 -1.20 21.09 -1.02
CA SER C 72 -0.03 20.48 -1.63
C SER C 72 0.80 19.65 -0.64
N ARG C 73 0.18 19.16 0.41
CA ARG C 73 0.93 18.34 1.36
C ARG C 73 0.25 17.01 1.66
N LEU C 74 -1.08 16.99 1.75
CA LEU C 74 -1.81 15.79 2.12
C LEU C 74 -2.20 14.99 0.87
N LEU C 75 -2.42 13.69 1.07
CA LEU C 75 -2.61 12.77 -0.05
C LEU C 75 -3.46 11.58 0.36
N VAL C 76 -4.51 11.30 -0.40
CA VAL C 76 -5.38 10.15 -0.18
C VAL C 76 -4.90 9.00 -1.04
N SER C 77 -4.92 7.78 -0.49
CA SER C 77 -4.59 6.60 -1.28
C SER C 77 -5.59 5.50 -1.02
N ALA C 78 -6.08 4.89 -2.10
CA ALA C 78 -7.13 3.87 -2.05
C ALA C 78 -6.63 2.60 -2.71
N SER C 79 -6.69 1.49 -1.96
CA SER C 79 -6.24 0.20 -2.50
C SER C 79 -7.12 -0.91 -1.98
N GLN C 80 -7.18 -1.99 -2.77
CA GLN C 80 -8.16 -3.04 -2.51
C GLN C 80 -7.71 -4.01 -1.45
N ASP C 81 -6.78 -3.62 -0.59
CA ASP C 81 -6.69 -4.27 0.71
C ASP C 81 -7.76 -3.77 1.65
N GLY C 82 -8.76 -3.09 1.10
CA GLY C 82 -9.82 -2.50 1.88
C GLY C 82 -9.46 -1.20 2.54
N LYS C 83 -8.46 -0.48 2.05
CA LYS C 83 -7.91 0.62 2.83
C LYS C 83 -7.91 1.93 2.07
N LEU C 84 -8.23 2.99 2.80
CA LEU C 84 -8.14 4.37 2.34
C LEU C 84 -7.33 5.12 3.38
N ILE C 85 -6.08 5.46 3.08
CA ILE C 85 -5.20 6.05 4.07
C ILE C 85 -4.65 7.36 3.56
N ILE C 86 -4.58 8.35 4.44
CA ILE C 86 -4.15 9.70 4.09
C ILE C 86 -2.79 9.97 4.71
N TRP C 87 -1.91 10.57 3.93
CA TRP C 87 -0.49 10.70 4.24
C TRP C 87 -0.09 12.16 4.46
N ASP C 88 1.12 12.32 4.98
CA ASP C 88 1.85 13.58 4.97
C ASP C 88 3.06 13.39 4.07
N SER C 89 3.09 14.11 2.95
CA SER C 89 4.13 13.88 1.97
C SER C 89 5.50 14.28 2.49
N TYR C 90 5.59 15.35 3.27
CA TYR C 90 6.87 15.91 3.66
C TYR C 90 7.61 15.01 4.64
N THR C 91 6.90 14.24 5.45
CA THR C 91 7.51 13.47 6.52
C THR C 91 7.09 12.01 6.51
N THR C 92 6.63 11.50 5.38
CA THR C 92 6.21 10.11 5.17
C THR C 92 5.46 9.56 6.39
N ASN C 93 4.41 10.28 6.78
CA ASN C 93 3.58 9.89 7.91
C ASN C 93 2.16 9.59 7.47
N LYS C 94 1.48 8.80 8.27
CA LYS C 94 0.10 8.42 8.07
C LYS C 94 -0.76 9.07 9.14
N VAL C 95 -1.81 9.77 8.73
CA VAL C 95 -2.63 10.53 9.66
C VAL C 95 -4.00 9.91 9.90
N HIS C 96 -4.56 9.19 8.92
CA HIS C 96 -5.77 8.42 9.15
C HIS C 96 -5.76 7.20 8.25
N ALA C 97 -6.23 6.08 8.81
CA ALA C 97 -6.49 4.87 8.06
C ALA C 97 -7.99 4.57 8.16
N ILE C 98 -8.62 4.30 7.02
CA ILE C 98 -10.06 4.12 6.95
C ILE C 98 -10.35 2.75 6.36
N PRO C 99 -11.06 1.89 7.08
CA PRO C 99 -11.44 0.59 6.53
C PRO C 99 -12.76 0.66 5.78
N LEU C 100 -12.76 0.15 4.55
CA LEU C 100 -13.89 0.36 3.67
C LEU C 100 -14.86 -0.81 3.74
N ARG C 101 -16.14 -0.52 3.52
CA ARG C 101 -17.14 -1.56 3.54
C ARG C 101 -16.96 -2.54 2.38
N SER C 102 -16.59 -2.04 1.21
CA SER C 102 -16.33 -2.85 0.03
C SER C 102 -14.86 -2.76 -0.33
N SER C 103 -14.27 -3.91 -0.65
CA SER C 103 -12.84 -3.95 -0.93
C SER C 103 -12.49 -3.54 -2.35
N TRP C 104 -13.46 -3.48 -3.25
CA TRP C 104 -13.20 -3.27 -4.68
C TRP C 104 -13.39 -1.79 -4.98
N VAL C 105 -12.27 -1.09 -5.19
CA VAL C 105 -12.24 0.37 -5.20
C VAL C 105 -11.51 0.83 -6.45
N MET C 106 -12.05 1.86 -7.10
CA MET C 106 -11.44 2.38 -8.32
C MET C 106 -11.40 3.89 -8.36
N THR C 107 -11.65 4.58 -7.24
CA THR C 107 -11.71 6.03 -7.25
C THR C 107 -11.58 6.54 -5.81
N CYS C 108 -11.06 7.75 -5.68
CA CYS C 108 -10.96 8.43 -4.39
C CYS C 108 -10.84 9.92 -4.65
N ALA C 109 -11.43 10.70 -3.75
CA ALA C 109 -11.42 12.15 -3.88
C ALA C 109 -11.16 12.79 -2.52
N TYR C 110 -10.48 13.92 -2.54
CA TYR C 110 -10.18 14.68 -1.33
C TYR C 110 -10.82 16.05 -1.52
N ALA C 111 -11.70 16.43 -0.62
CA ALA C 111 -12.46 17.64 -0.82
C ALA C 111 -11.53 18.85 -0.82
N PRO C 112 -11.80 19.87 -1.65
CA PRO C 112 -10.91 21.04 -1.66
C PRO C 112 -10.88 21.81 -0.36
N SER C 113 -11.87 21.63 0.51
CA SER C 113 -11.83 22.21 1.85
C SER C 113 -11.18 21.30 2.87
N GLY C 114 -10.84 20.07 2.52
CA GLY C 114 -10.17 19.18 3.41
C GLY C 114 -11.04 18.50 4.44
N ASN C 115 -12.35 18.69 4.38
CA ASN C 115 -13.24 18.17 5.41
C ASN C 115 -13.78 16.78 5.13
N TYR C 116 -13.95 16.41 3.86
CA TYR C 116 -14.54 15.13 3.51
C TYR C 116 -13.64 14.40 2.51
N VAL C 117 -13.82 13.08 2.45
CA VAL C 117 -13.25 12.27 1.39
C VAL C 117 -14.35 11.44 0.77
N ALA C 118 -14.09 10.93 -0.43
CA ALA C 118 -15.06 10.11 -1.13
C ALA C 118 -14.36 8.87 -1.69
N CYS C 119 -15.13 7.80 -1.86
CA CYS C 119 -14.59 6.58 -2.42
C CYS C 119 -15.71 5.82 -3.15
N GLY C 120 -15.30 4.90 -4.01
CA GLY C 120 -16.27 4.16 -4.78
C GLY C 120 -15.60 3.08 -5.60
N GLY C 121 -16.43 2.20 -6.16
CA GLY C 121 -15.93 1.10 -6.95
C GLY C 121 -17.00 0.26 -7.63
N LEU C 122 -16.82 -1.06 -7.62
CA LEU C 122 -17.70 -1.97 -8.34
C LEU C 122 -19.06 -2.12 -7.68
N ASP C 123 -19.20 -1.77 -6.41
CA ASP C 123 -20.45 -1.97 -5.70
C ASP C 123 -21.40 -0.78 -5.83
N ASN C 124 -21.24 0.02 -6.87
CA ASN C 124 -22.27 0.94 -7.35
C ASN C 124 -22.67 2.00 -6.34
N ILE C 125 -21.87 2.21 -5.30
CA ILE C 125 -22.19 3.15 -4.23
C ILE C 125 -20.97 4.03 -3.99
N CYS C 126 -21.19 5.34 -3.96
CA CYS C 126 -20.15 6.30 -3.62
C CYS C 126 -20.29 6.67 -2.14
N SER C 127 -19.28 6.36 -1.35
CA SER C 127 -19.33 6.62 0.09
C SER C 127 -18.57 7.89 0.41
N ILE C 128 -19.15 8.72 1.27
CA ILE C 128 -18.55 9.97 1.71
C ILE C 128 -18.18 9.84 3.18
N TYR C 129 -16.91 10.06 3.50
CA TYR C 129 -16.39 9.91 4.84
C TYR C 129 -16.05 11.29 5.41
N ASN C 130 -16.56 11.56 6.60
CA ASN C 130 -16.23 12.78 7.33
C ASN C 130 -14.82 12.69 7.89
N LEU C 131 -14.26 13.84 8.23
CA LEU C 131 -12.92 13.89 8.80
C LEU C 131 -12.80 14.73 10.07
N LYS C 132 -13.68 15.69 10.29
CA LYS C 132 -13.57 16.63 11.40
C LYS C 132 -14.62 16.40 12.47
N THR C 133 -14.90 15.15 12.79
CA THR C 133 -15.88 14.83 13.82
C THR C 133 -15.35 15.25 15.20
N ARG C 134 -16.27 15.50 16.12
CA ARG C 134 -15.93 15.90 17.47
C ARG C 134 -15.75 14.70 18.40
N GLU C 135 -15.84 13.48 17.88
CA GLU C 135 -15.75 12.29 18.70
C GLU C 135 -14.50 11.47 18.39
N GLY C 136 -13.51 12.06 17.74
CA GLY C 136 -12.32 11.32 17.42
C GLY C 136 -12.27 10.79 15.99
N ASN C 137 -12.65 9.52 15.82
CA ASN C 137 -12.47 8.82 14.56
C ASN C 137 -13.28 9.46 13.43
N VAL C 138 -13.04 8.94 12.22
CA VAL C 138 -13.70 9.40 11.00
C VAL C 138 -14.78 8.39 10.64
N ARG C 139 -15.96 8.89 10.26
CA ARG C 139 -17.13 8.05 10.12
C ARG C 139 -17.83 8.30 8.79
N VAL C 140 -18.68 7.36 8.41
CA VAL C 140 -19.43 7.43 7.16
C VAL C 140 -20.61 8.38 7.33
N SER C 141 -20.75 9.32 6.41
CA SER C 141 -21.83 10.30 6.47
C SER C 141 -22.94 10.02 5.47
N ARG C 142 -22.62 9.52 4.29
CA ARG C 142 -23.64 9.20 3.31
C ARG C 142 -23.11 8.14 2.36
N GLU C 143 -24.05 7.36 1.82
CA GLU C 143 -23.77 6.32 0.83
C GLU C 143 -24.66 6.59 -0.38
N LEU C 144 -24.16 7.41 -1.32
CA LEU C 144 -24.92 7.73 -2.51
C LEU C 144 -25.06 6.50 -3.39
N ALA C 145 -26.29 6.20 -3.81
CA ALA C 145 -26.57 4.96 -4.54
C ALA C 145 -27.72 5.21 -5.51
N GLY C 146 -27.40 5.47 -6.76
CA GLY C 146 -28.41 5.50 -7.81
C GLY C 146 -27.94 4.86 -9.10
N HIS C 147 -26.68 4.46 -9.15
CA HIS C 147 -26.11 3.95 -10.39
C HIS C 147 -26.44 2.49 -10.58
N THR C 148 -26.41 2.06 -11.84
CA THR C 148 -26.59 0.67 -12.21
C THR C 148 -25.32 0.05 -12.76
N GLY C 149 -24.17 0.67 -12.51
CA GLY C 149 -22.90 0.17 -12.97
C GLY C 149 -21.78 0.74 -12.13
N TYR C 150 -20.57 0.25 -12.40
CA TYR C 150 -19.43 0.59 -11.55
C TYR C 150 -19.00 2.04 -11.74
N LEU C 151 -18.54 2.64 -10.64
CA LEU C 151 -18.01 3.99 -10.68
C LEU C 151 -16.57 3.98 -11.17
N SER C 152 -16.22 4.95 -12.00
CA SER C 152 -14.86 5.06 -12.51
C SER C 152 -14.13 6.30 -12.03
N CYS C 153 -14.84 7.38 -11.71
CA CYS C 153 -14.21 8.60 -11.21
C CYS C 153 -15.21 9.37 -10.38
N CYS C 154 -14.68 10.12 -9.41
CA CYS C 154 -15.51 10.94 -8.53
C CYS C 154 -14.76 12.21 -8.18
N ARG C 155 -15.33 13.36 -8.53
CA ARG C 155 -14.73 14.65 -8.26
C ARG C 155 -15.70 15.50 -7.45
N PHE C 156 -15.16 16.22 -6.47
CA PHE C 156 -15.96 17.16 -5.70
C PHE C 156 -16.16 18.45 -6.48
N LEU C 157 -17.17 19.20 -6.09
CA LEU C 157 -17.36 20.58 -6.56
C LEU C 157 -17.28 21.57 -5.42
N ASP C 158 -17.97 21.31 -4.33
CA ASP C 158 -17.79 21.99 -3.07
C ASP C 158 -18.14 21.00 -1.97
N ASP C 159 -18.39 21.48 -0.76
CA ASP C 159 -18.70 20.57 0.33
C ASP C 159 -20.05 19.88 0.13
N ASN C 160 -20.99 20.52 -0.57
CA ASN C 160 -22.37 20.06 -0.61
C ASN C 160 -22.74 19.29 -1.88
N GLN C 161 -21.81 19.09 -2.81
CA GLN C 161 -22.17 18.35 -4.02
C GLN C 161 -20.96 17.62 -4.57
N ILE C 162 -21.23 16.66 -5.44
CA ILE C 162 -20.23 15.72 -5.94
C ILE C 162 -20.63 15.34 -7.37
N VAL C 163 -19.62 14.99 -8.18
CA VAL C 163 -19.84 14.59 -9.57
C VAL C 163 -19.14 13.27 -9.83
N THR C 164 -19.86 12.30 -10.40
CA THR C 164 -19.35 10.95 -10.62
C THR C 164 -19.70 10.47 -12.02
N SER C 165 -18.98 9.43 -12.46
CA SER C 165 -19.16 8.85 -13.79
C SER C 165 -19.12 7.34 -13.68
N SER C 166 -20.12 6.65 -14.23
CA SER C 166 -20.26 5.23 -13.94
C SER C 166 -20.49 4.42 -15.22
N GLY C 167 -20.16 3.14 -15.14
CA GLY C 167 -20.14 2.25 -16.27
C GLY C 167 -21.48 1.91 -16.90
N ASP C 168 -22.54 2.61 -16.51
CA ASP C 168 -23.81 2.51 -17.21
C ASP C 168 -23.96 3.59 -18.26
N THR C 169 -22.84 4.07 -18.80
CA THR C 169 -22.82 5.11 -19.83
C THR C 169 -23.54 6.38 -19.36
N THR C 170 -23.28 6.81 -18.13
CA THR C 170 -23.90 8.03 -17.64
C THR C 170 -23.05 8.67 -16.55
N CYS C 171 -23.37 9.93 -16.26
CA CYS C 171 -22.68 10.75 -15.28
C CYS C 171 -23.74 11.40 -14.39
N ALA C 172 -23.34 11.78 -13.18
CA ALA C 172 -24.30 12.27 -12.21
C ALA C 172 -23.73 13.38 -11.35
N LEU C 173 -24.55 14.39 -11.08
CA LEU C 173 -24.28 15.41 -10.08
C LEU C 173 -25.24 15.20 -8.93
N TRP C 174 -24.70 14.98 -7.73
CA TRP C 174 -25.49 14.64 -6.57
C TRP C 174 -25.65 15.83 -5.63
N ASP C 175 -26.38 15.59 -4.54
CA ASP C 175 -26.55 16.55 -3.46
C ASP C 175 -26.35 15.79 -2.16
N ILE C 176 -25.22 16.05 -1.48
CA ILE C 176 -24.81 15.22 -0.34
C ILE C 176 -25.80 15.34 0.80
N GLU C 177 -26.29 16.56 1.07
CA GLU C 177 -27.15 16.78 2.23
C GLU C 177 -28.42 15.95 2.15
N THR C 178 -29.06 15.93 0.98
CA THR C 178 -30.32 15.20 0.82
C THR C 178 -30.09 13.73 0.51
N GLY C 179 -29.24 13.45 -0.47
CA GLY C 179 -29.01 12.09 -0.94
C GLY C 179 -29.54 11.81 -2.32
N GLN C 180 -30.20 12.78 -2.94
CA GLN C 180 -30.83 12.59 -4.24
C GLN C 180 -29.78 12.69 -5.34
N GLN C 181 -30.24 12.77 -6.59
CA GLN C 181 -29.39 12.79 -7.77
C GLN C 181 -29.77 14.03 -8.58
N THR C 182 -29.14 15.16 -8.26
CA THR C 182 -29.65 16.45 -8.72
C THR C 182 -29.71 16.54 -10.23
N THR C 183 -28.79 15.89 -10.94
CA THR C 183 -28.87 15.89 -12.39
C THR C 183 -28.17 14.66 -12.95
N THR C 184 -28.73 14.10 -14.01
CA THR C 184 -28.14 12.97 -14.71
C THR C 184 -27.80 13.37 -16.14
N PHE C 185 -26.58 13.06 -16.55
CA PHE C 185 -26.11 13.29 -17.91
C PHE C 185 -26.02 11.96 -18.63
N THR C 186 -26.70 11.88 -19.78
CA THR C 186 -26.68 10.68 -20.61
C THR C 186 -26.50 11.10 -22.06
N GLY C 187 -26.02 10.17 -22.87
CA GLY C 187 -25.74 10.47 -24.26
C GLY C 187 -24.53 9.73 -24.79
N HIS C 188 -23.81 9.07 -23.89
CA HIS C 188 -22.68 8.26 -24.33
C HIS C 188 -23.18 6.94 -24.90
N THR C 189 -22.23 6.14 -25.40
CA THR C 189 -22.54 4.85 -25.99
C THR C 189 -21.94 3.69 -25.21
N GLY C 190 -20.83 3.90 -24.52
CA GLY C 190 -20.19 2.84 -23.77
C GLY C 190 -19.74 3.28 -22.40
N ASP C 191 -18.86 2.49 -21.79
CA ASP C 191 -18.48 2.70 -20.41
C ASP C 191 -17.65 3.97 -20.28
N VAL C 192 -18.14 4.93 -19.52
CA VAL C 192 -17.35 6.14 -19.24
C VAL C 192 -16.37 5.82 -18.11
N MET C 193 -15.09 6.17 -18.32
CA MET C 193 -14.05 5.78 -17.38
C MET C 193 -13.18 6.91 -16.86
N SER C 194 -13.45 8.16 -17.20
CA SER C 194 -12.64 9.25 -16.71
C SER C 194 -13.49 10.50 -16.56
N LEU C 195 -12.96 11.49 -15.85
CA LEU C 195 -13.67 12.72 -15.60
C LEU C 195 -12.68 13.74 -15.07
N SER C 196 -12.89 15.01 -15.43
CA SER C 196 -12.00 16.07 -14.99
C SER C 196 -12.73 17.40 -15.08
N LEU C 197 -12.52 18.25 -14.07
CA LEU C 197 -13.26 19.50 -13.92
C LEU C 197 -12.39 20.69 -14.30
N ALA C 198 -12.96 21.61 -15.06
CA ALA C 198 -12.29 22.85 -15.42
C ALA C 198 -12.14 23.73 -14.17
N PRO C 199 -11.20 24.68 -14.20
CA PRO C 199 -10.95 25.48 -12.98
C PRO C 199 -12.18 26.19 -12.43
N ASP C 200 -13.06 26.70 -13.29
CA ASP C 200 -14.20 27.46 -12.81
C ASP C 200 -15.31 26.58 -12.28
N THR C 201 -15.14 25.26 -12.31
CA THR C 201 -16.12 24.32 -11.79
C THR C 201 -17.51 24.55 -12.39
N ARG C 202 -17.53 24.78 -13.70
CA ARG C 202 -18.77 25.04 -14.41
C ARG C 202 -19.04 24.07 -15.55
N LEU C 203 -18.05 23.28 -15.94
CA LEU C 203 -18.17 22.42 -17.11
C LEU C 203 -17.02 21.45 -17.13
N PHE C 204 -17.29 20.21 -17.52
CA PHE C 204 -16.31 19.14 -17.43
C PHE C 204 -16.41 18.23 -18.64
N VAL C 205 -15.33 17.49 -18.90
CA VAL C 205 -15.23 16.61 -20.07
C VAL C 205 -15.04 15.18 -19.60
N SER C 206 -15.70 14.25 -20.29
CA SER C 206 -15.65 12.83 -19.93
C SER C 206 -15.43 12.00 -21.18
N GLY C 207 -14.61 10.96 -21.05
CA GLY C 207 -14.24 10.13 -22.18
C GLY C 207 -14.48 8.65 -21.93
N ALA C 208 -15.32 8.04 -22.75
CA ALA C 208 -15.79 6.68 -22.54
C ALA C 208 -15.03 5.69 -23.43
N CYS C 209 -15.47 4.45 -23.42
CA CYS C 209 -14.86 3.38 -24.20
C CYS C 209 -15.40 3.29 -25.62
N ASP C 210 -16.05 4.35 -26.10
CA ASP C 210 -16.52 4.40 -27.48
C ASP C 210 -15.69 5.33 -28.32
N ALA C 211 -14.47 5.62 -27.88
CA ALA C 211 -13.53 6.49 -28.59
C ALA C 211 -14.14 7.87 -28.83
N SER C 212 -14.53 8.51 -27.73
CA SER C 212 -15.02 9.88 -27.80
C SER C 212 -14.84 10.55 -26.46
N ALA C 213 -14.89 11.87 -26.46
CA ALA C 213 -14.87 12.66 -25.25
C ALA C 213 -15.88 13.79 -25.42
N LYS C 214 -16.83 13.90 -24.49
CA LYS C 214 -17.84 14.93 -24.61
C LYS C 214 -17.81 15.87 -23.41
N LEU C 215 -18.12 17.13 -23.70
CA LEU C 215 -18.01 18.23 -22.74
C LEU C 215 -19.40 18.72 -22.36
N TRP C 216 -19.64 18.83 -21.07
CA TRP C 216 -20.95 19.14 -20.53
C TRP C 216 -20.98 20.54 -19.96
N ASP C 217 -22.12 20.91 -19.39
CA ASP C 217 -22.24 22.03 -18.48
C ASP C 217 -23.09 21.61 -17.29
N VAL C 218 -22.58 21.87 -16.08
CA VAL C 218 -23.14 21.26 -14.89
C VAL C 218 -24.49 21.84 -14.51
N ARG C 219 -24.83 23.04 -15.00
CA ARG C 219 -26.09 23.64 -14.62
C ARG C 219 -27.27 22.95 -15.27
N GLU C 220 -27.18 22.66 -16.58
CA GLU C 220 -28.36 22.24 -17.32
C GLU C 220 -28.26 20.88 -17.99
N GLY C 221 -27.07 20.30 -18.10
CA GLY C 221 -26.96 18.95 -18.59
C GLY C 221 -26.88 18.79 -20.10
N MET C 222 -26.98 19.87 -20.86
CA MET C 222 -26.94 19.79 -22.30
C MET C 222 -25.49 19.63 -22.76
N CYS C 223 -25.21 18.55 -23.49
CA CYS C 223 -23.87 18.33 -24.03
C CYS C 223 -23.55 19.39 -25.06
N ARG C 224 -22.33 19.94 -24.98
CA ARG C 224 -21.93 21.04 -25.83
C ARG C 224 -21.09 20.61 -27.02
N GLN C 225 -20.22 19.61 -26.84
CA GLN C 225 -19.27 19.23 -27.87
C GLN C 225 -18.88 17.77 -27.71
N THR C 226 -18.63 17.13 -28.84
CA THR C 226 -18.14 15.77 -28.90
C THR C 226 -16.87 15.74 -29.74
N PHE C 227 -15.81 15.16 -29.18
CA PHE C 227 -14.50 15.08 -29.82
C PHE C 227 -14.19 13.62 -30.11
N THR C 228 -13.84 13.33 -31.36
CA THR C 228 -13.51 11.96 -31.75
C THR C 228 -12.26 11.97 -32.61
N GLY C 229 -11.16 11.48 -32.06
CA GLY C 229 -9.96 11.27 -32.84
C GLY C 229 -9.33 9.90 -32.67
N HIS C 230 -9.71 9.21 -31.60
CA HIS C 230 -8.94 8.08 -31.11
C HIS C 230 -9.31 6.81 -31.89
N GLU C 231 -8.76 5.68 -31.44
CA GLU C 231 -9.07 4.39 -32.04
C GLU C 231 -9.24 3.30 -31.01
N SER C 232 -9.43 3.64 -29.74
CA SER C 232 -9.71 2.65 -28.70
C SER C 232 -10.28 3.39 -27.50
N ASP C 233 -10.37 2.68 -26.37
CA ASP C 233 -10.91 3.26 -25.16
C ASP C 233 -10.02 4.39 -24.65
N ILE C 234 -10.64 5.37 -24.01
CA ILE C 234 -9.94 6.47 -23.35
C ILE C 234 -10.02 6.24 -21.85
N ASN C 235 -8.86 6.13 -21.19
CA ASN C 235 -8.79 5.78 -19.79
C ASN C 235 -8.27 6.88 -18.88
N ALA C 236 -8.04 8.08 -19.39
CA ALA C 236 -7.59 9.17 -18.54
C ALA C 236 -7.85 10.50 -19.23
N ILE C 237 -8.24 11.50 -18.44
CA ILE C 237 -8.46 12.85 -18.96
C ILE C 237 -7.96 13.85 -17.92
N CYS C 238 -7.26 14.88 -18.40
CA CYS C 238 -6.86 15.99 -17.56
C CYS C 238 -6.99 17.29 -18.35
N PHE C 239 -7.07 18.40 -17.63
CA PHE C 239 -7.26 19.70 -18.24
C PHE C 239 -5.95 20.48 -18.34
N PHE C 240 -5.86 21.30 -19.38
CA PHE C 240 -4.91 22.40 -19.39
C PHE C 240 -5.27 23.38 -18.27
N PRO C 241 -4.28 24.00 -17.64
CA PRO C 241 -4.59 24.87 -16.49
C PRO C 241 -5.54 26.01 -16.79
N ASN C 242 -5.60 26.51 -18.01
CA ASN C 242 -6.46 27.65 -18.29
C ASN C 242 -7.85 27.26 -18.76
N GLY C 243 -8.16 25.97 -18.79
CA GLY C 243 -9.51 25.54 -19.09
C GLY C 243 -9.94 25.70 -20.53
N ASN C 244 -9.02 25.78 -21.47
CA ASN C 244 -9.34 25.87 -22.88
C ASN C 244 -8.78 24.71 -23.69
N ALA C 245 -8.22 23.70 -23.04
CA ALA C 245 -7.70 22.53 -23.72
C ALA C 245 -7.62 21.39 -22.73
N PHE C 246 -7.63 20.17 -23.24
CA PHE C 246 -7.51 19.02 -22.35
C PHE C 246 -6.79 17.89 -23.06
N ALA C 247 -6.22 17.00 -22.25
CA ALA C 247 -5.39 15.91 -22.74
C ALA C 247 -6.02 14.58 -22.38
N THR C 248 -6.05 13.67 -23.34
CA THR C 248 -6.75 12.40 -23.18
C THR C 248 -5.80 11.26 -23.49
N GLY C 249 -5.92 10.17 -22.75
CA GLY C 249 -5.04 9.04 -22.91
C GLY C 249 -5.75 7.76 -23.25
N SER C 250 -5.48 7.22 -24.44
CA SER C 250 -6.20 6.08 -24.96
C SER C 250 -5.41 4.80 -24.81
N ASP C 251 -5.90 3.72 -25.42
CA ASP C 251 -5.23 2.43 -25.39
C ASP C 251 -4.73 2.05 -26.79
N ASP C 252 -4.54 3.02 -27.67
CA ASP C 252 -3.82 2.84 -28.91
C ASP C 252 -2.46 3.51 -28.88
N ALA C 253 -1.86 3.57 -27.69
CA ALA C 253 -0.50 4.07 -27.50
C ALA C 253 -0.34 5.50 -27.99
N THR C 254 -1.32 6.35 -27.70
CA THR C 254 -1.20 7.75 -28.04
C THR C 254 -2.07 8.57 -27.11
N CYS C 255 -1.66 9.80 -26.87
CA CYS C 255 -2.41 10.73 -26.05
C CYS C 255 -2.56 12.03 -26.82
N ARG C 256 -3.74 12.64 -26.72
CA ARG C 256 -4.08 13.73 -27.61
C ARG C 256 -4.48 14.99 -26.85
N LEU C 257 -4.04 16.12 -27.37
CA LEU C 257 -4.34 17.45 -26.86
C LEU C 257 -5.42 18.06 -27.74
N PHE C 258 -6.59 18.30 -27.14
CA PHE C 258 -7.77 18.80 -27.82
C PHE C 258 -8.07 20.21 -27.34
N ASP C 259 -8.60 21.01 -28.26
CA ASP C 259 -8.97 22.39 -28.02
C ASP C 259 -10.46 22.49 -27.72
N LEU C 260 -10.91 23.69 -27.40
CA LEU C 260 -12.31 23.90 -27.09
C LEU C 260 -12.98 24.91 -28.02
N ARG C 261 -12.37 26.08 -28.22
CA ARG C 261 -13.00 27.07 -29.09
C ARG C 261 -12.84 26.71 -30.56
N ALA C 262 -11.66 26.19 -30.94
CA ALA C 262 -11.47 25.73 -32.31
C ALA C 262 -12.25 24.46 -32.61
N ASP C 263 -12.82 23.82 -31.61
CA ASP C 263 -13.77 22.72 -31.79
C ASP C 263 -13.13 21.51 -32.45
N GLN C 264 -11.82 21.31 -32.29
CA GLN C 264 -11.19 20.20 -32.98
C GLN C 264 -9.88 19.84 -32.30
N GLU C 265 -9.21 18.85 -32.88
CA GLU C 265 -7.97 18.31 -32.33
C GLU C 265 -6.78 19.16 -32.75
N LEU C 266 -5.85 19.36 -31.82
CA LEU C 266 -4.61 20.07 -32.11
C LEU C 266 -3.42 19.12 -32.23
N MET C 267 -3.13 18.32 -31.20
CA MET C 267 -1.91 17.53 -31.31
C MET C 267 -2.10 16.10 -30.86
N THR C 268 -1.25 15.23 -31.40
CA THR C 268 -1.19 13.82 -31.05
C THR C 268 0.23 13.47 -30.62
N TYR C 269 0.34 12.62 -29.60
CA TYR C 269 1.61 12.23 -29.03
C TYR C 269 1.70 10.71 -29.05
N SER C 270 2.72 10.19 -29.70
CA SER C 270 2.94 8.75 -29.81
C SER C 270 4.32 8.51 -30.39
N HIS C 271 4.92 7.38 -30.02
CA HIS C 271 6.24 7.00 -30.48
C HIS C 271 6.22 5.55 -30.93
N ASP C 272 7.10 5.23 -31.89
CA ASP C 272 7.12 3.90 -32.46
C ASP C 272 7.50 2.85 -31.43
N ASN C 273 8.46 3.18 -30.55
CA ASN C 273 8.85 2.25 -29.50
C ASN C 273 7.68 1.94 -28.58
N ILE C 274 6.77 2.89 -28.41
CA ILE C 274 5.66 2.76 -27.48
C ILE C 274 4.50 2.06 -28.18
N ILE C 275 4.01 0.97 -27.57
CA ILE C 275 2.82 0.29 -28.04
C ILE C 275 1.82 0.00 -26.93
N CYS C 276 2.14 0.34 -25.68
CA CYS C 276 1.28 0.02 -24.56
C CYS C 276 0.14 1.03 -24.46
N GLY C 277 -0.59 1.02 -23.35
CA GLY C 277 -1.77 1.86 -23.20
C GLY C 277 -1.63 2.79 -22.02
N ILE C 278 -2.11 4.02 -22.19
CA ILE C 278 -2.00 5.06 -21.18
C ILE C 278 -3.02 4.80 -20.08
N THR C 279 -2.60 4.96 -18.83
CA THR C 279 -3.50 4.84 -17.69
C THR C 279 -3.66 6.13 -16.90
N SER C 280 -2.87 7.16 -17.18
CA SER C 280 -2.99 8.43 -16.48
C SER C 280 -2.24 9.51 -17.25
N VAL C 281 -2.82 10.71 -17.29
CA VAL C 281 -2.23 11.85 -17.97
C VAL C 281 -2.43 13.09 -17.10
N SER C 282 -1.38 13.90 -16.98
CA SER C 282 -1.45 15.16 -16.25
C SER C 282 -0.50 16.18 -16.86
N PHE C 283 -0.62 17.42 -16.41
CA PHE C 283 0.18 18.55 -16.85
C PHE C 283 1.10 19.03 -15.73
N SER C 284 1.79 20.14 -15.99
CA SER C 284 2.52 20.91 -15.00
C SER C 284 1.72 22.17 -14.69
N LYS C 285 2.28 23.03 -13.84
CA LYS C 285 1.56 24.25 -13.47
C LYS C 285 1.54 25.24 -14.62
N SER C 286 2.68 25.46 -15.27
CA SER C 286 2.74 26.41 -16.38
C SER C 286 1.98 25.89 -17.59
N GLY C 287 2.22 24.63 -17.96
CA GLY C 287 1.61 24.10 -19.16
C GLY C 287 2.61 23.92 -20.28
N ARG C 288 3.80 23.46 -19.94
CA ARG C 288 4.84 23.17 -20.93
C ARG C 288 5.18 21.69 -21.02
N LEU C 289 4.91 20.92 -19.98
CA LEU C 289 5.26 19.51 -19.94
C LEU C 289 4.00 18.67 -19.77
N LEU C 290 4.02 17.48 -20.33
CA LEU C 290 2.95 16.50 -20.17
C LEU C 290 3.53 15.25 -19.56
N LEU C 291 2.85 14.70 -18.56
CA LEU C 291 3.32 13.54 -17.84
C LEU C 291 2.31 12.42 -18.01
N ALA C 292 2.75 11.29 -18.56
CA ALA C 292 1.84 10.21 -18.89
C ALA C 292 2.39 8.88 -18.39
N GLY C 293 1.56 8.12 -17.70
CA GLY C 293 1.97 6.83 -17.15
C GLY C 293 1.49 5.69 -18.03
N TYR C 294 2.37 4.72 -18.26
CA TYR C 294 2.12 3.68 -19.25
C TYR C 294 2.00 2.32 -18.60
N ASP C 295 1.49 1.37 -19.36
CA ASP C 295 1.43 -0.01 -18.93
C ASP C 295 2.78 -0.70 -18.98
N ASP C 296 3.77 -0.12 -19.66
CA ASP C 296 5.10 -0.69 -19.76
C ASP C 296 5.97 -0.34 -18.57
N PHE C 297 5.34 -0.03 -17.44
CA PHE C 297 5.94 0.03 -16.11
C PHE C 297 6.76 1.30 -15.89
N ASN C 298 6.40 2.40 -16.55
CA ASN C 298 7.10 3.66 -16.31
C ASN C 298 6.21 4.83 -16.70
N CYS C 299 6.82 6.01 -16.76
CA CYS C 299 6.15 7.25 -17.12
C CYS C 299 7.02 8.02 -18.09
N ASN C 300 6.40 8.82 -18.94
CA ASN C 300 7.11 9.60 -19.93
C ASN C 300 6.71 11.06 -19.83
N VAL C 301 7.64 11.92 -20.21
CA VAL C 301 7.44 13.36 -20.21
C VAL C 301 7.56 13.86 -21.64
N TRP C 302 6.50 14.49 -22.13
CA TRP C 302 6.43 15.01 -23.48
C TRP C 302 6.51 16.52 -23.45
N ASP C 303 7.30 17.09 -24.34
CA ASP C 303 7.26 18.52 -24.55
C ASP C 303 5.88 18.89 -25.11
N ALA C 304 5.06 19.51 -24.30
CA ALA C 304 3.66 19.74 -24.64
C ALA C 304 3.47 20.74 -25.74
N LEU C 305 4.51 21.23 -26.41
CA LEU C 305 4.34 22.05 -27.60
C LEU C 305 5.30 21.64 -28.70
N LYS C 306 6.00 20.53 -28.54
CA LYS C 306 6.93 20.00 -29.53
C LYS C 306 6.76 18.52 -29.81
N ALA C 307 6.07 17.78 -28.95
CA ALA C 307 5.79 16.36 -29.06
C ALA C 307 7.02 15.49 -28.89
N ASP C 308 8.18 16.06 -28.62
CA ASP C 308 9.41 15.29 -28.49
C ASP C 308 9.56 14.81 -27.06
N ARG C 309 9.90 13.52 -26.90
CA ARG C 309 10.06 12.98 -25.56
C ARG C 309 11.26 13.61 -24.87
N ALA C 310 11.10 13.90 -23.58
CA ALA C 310 12.10 14.66 -22.85
C ALA C 310 12.35 14.06 -21.48
N GLY C 311 12.48 12.75 -21.40
CA GLY C 311 12.83 12.09 -20.15
C GLY C 311 11.90 10.94 -19.86
N VAL C 312 12.34 10.09 -18.93
CA VAL C 312 11.57 8.92 -18.51
C VAL C 312 11.60 8.85 -17.00
N LEU C 313 10.42 8.81 -16.38
CA LEU C 313 10.29 8.56 -14.96
C LEU C 313 10.14 7.06 -14.79
N ALA C 314 11.24 6.38 -14.51
CA ALA C 314 11.26 4.94 -14.38
C ALA C 314 11.63 4.55 -12.96
N GLY C 315 11.29 3.33 -12.59
CA GLY C 315 11.60 2.84 -11.27
C GLY C 315 10.47 2.06 -10.63
N HIS C 316 9.40 1.85 -11.37
CA HIS C 316 8.26 1.09 -10.88
C HIS C 316 8.31 -0.33 -11.43
N ASP C 317 7.99 -1.29 -10.56
CA ASP C 317 8.07 -2.70 -10.90
C ASP C 317 6.78 -3.26 -11.46
N ASN C 318 5.74 -2.45 -11.62
CA ASN C 318 4.49 -2.90 -12.22
C ASN C 318 3.72 -1.68 -12.71
N ARG C 319 2.52 -1.91 -13.24
CA ARG C 319 1.79 -0.90 -13.98
C ARG C 319 1.47 0.30 -13.12
N VAL C 320 1.74 1.50 -13.65
CA VAL C 320 1.43 2.75 -12.97
C VAL C 320 -0.02 3.12 -13.27
N SER C 321 -0.81 3.28 -12.22
CA SER C 321 -2.23 3.55 -12.34
C SER C 321 -2.58 5.01 -12.09
N CYS C 322 -2.16 5.57 -10.98
CA CYS C 322 -2.53 6.92 -10.62
C CYS C 322 -1.34 7.85 -10.73
N LEU C 323 -1.62 9.10 -11.12
CA LEU C 323 -0.57 10.07 -11.39
C LEU C 323 -1.11 11.46 -11.11
N GLY C 324 -0.51 12.17 -10.17
CA GLY C 324 -0.98 13.50 -9.86
C GLY C 324 0.10 14.51 -9.55
N VAL C 325 -0.01 15.71 -10.12
CA VAL C 325 0.89 16.81 -9.80
C VAL C 325 0.20 17.70 -8.79
N THR C 326 1.00 18.39 -7.98
CA THR C 326 0.47 19.17 -6.88
C THR C 326 -0.14 20.47 -7.40
N ASP C 327 -0.67 21.27 -6.47
CA ASP C 327 -1.31 22.53 -6.81
C ASP C 327 -0.32 23.68 -6.91
N ASP C 328 0.95 23.45 -6.59
CA ASP C 328 2.00 24.44 -6.73
C ASP C 328 3.12 24.02 -7.67
N GLY C 329 3.02 22.84 -8.28
CA GLY C 329 4.03 22.38 -9.19
C GLY C 329 5.30 21.89 -8.56
N MET C 330 5.26 21.50 -7.28
CA MET C 330 6.47 21.14 -6.58
C MET C 330 6.85 19.67 -6.69
N ALA C 331 5.89 18.79 -6.95
CA ALA C 331 6.21 17.38 -7.02
C ALA C 331 5.15 16.66 -7.85
N VAL C 332 5.50 15.48 -8.31
CA VAL C 332 4.56 14.60 -8.99
C VAL C 332 4.57 13.26 -8.27
N ALA C 333 3.38 12.74 -7.99
CA ALA C 333 3.22 11.52 -7.23
C ALA C 333 2.64 10.46 -8.14
N THR C 334 3.32 9.34 -8.24
CA THR C 334 2.94 8.25 -9.12
C THR C 334 2.71 7.01 -8.29
N GLY C 335 1.61 6.31 -8.55
CA GLY C 335 1.25 5.14 -7.79
C GLY C 335 0.87 3.99 -8.68
N SER C 336 1.45 2.83 -8.41
CA SER C 336 1.43 1.69 -9.30
C SER C 336 0.91 0.47 -8.57
N TRP C 337 0.74 -0.62 -9.31
CA TRP C 337 0.29 -1.87 -8.73
C TRP C 337 1.34 -2.52 -7.93
N ASP C 338 2.48 -1.87 -7.73
CA ASP C 338 3.51 -2.40 -6.85
C ASP C 338 3.26 -2.04 -5.39
N SER C 339 2.07 -1.53 -5.06
CA SER C 339 1.62 -1.13 -3.74
C SER C 339 2.35 0.10 -3.22
N PHE C 340 3.30 0.63 -3.96
CA PHE C 340 4.11 1.74 -3.50
C PHE C 340 3.54 3.05 -4.03
N LEU C 341 4.23 4.15 -3.73
CA LEU C 341 3.81 5.47 -4.17
C LEU C 341 5.00 6.40 -4.08
N LYS C 342 5.39 7.03 -5.18
CA LYS C 342 6.66 7.73 -5.26
C LYS C 342 6.45 9.20 -5.58
N ILE C 343 7.34 10.04 -5.03
CA ILE C 343 7.30 11.48 -5.19
C ILE C 343 8.53 11.91 -5.98
N TRP C 344 8.35 12.84 -6.91
CA TRP C 344 9.40 13.27 -7.80
C TRP C 344 9.42 14.79 -7.88
N ASN C 345 10.62 15.36 -8.06
CA ASN C 345 10.74 16.79 -8.34
C ASN C 345 11.38 17.00 -9.70
N ALA D 7 -39.91 2.41 -31.01
CA ALA D 7 -39.41 3.25 -29.93
C ALA D 7 -38.13 3.97 -30.34
N SER D 8 -37.48 3.45 -31.38
CA SER D 8 -36.24 4.05 -31.87
C SER D 8 -36.48 5.43 -32.49
N ILE D 9 -37.72 5.76 -32.82
CA ILE D 9 -38.02 7.06 -33.41
C ILE D 9 -37.68 8.18 -32.44
N ALA D 10 -38.04 8.00 -31.17
CA ALA D 10 -37.73 9.02 -30.16
C ALA D 10 -36.23 9.17 -29.98
N GLN D 11 -35.49 8.05 -29.98
CA GLN D 11 -34.04 8.13 -29.85
C GLN D 11 -33.41 8.86 -31.04
N ALA D 12 -33.89 8.56 -32.27
CA ALA D 12 -33.38 9.24 -33.45
C ALA D 12 -33.69 10.74 -33.39
N ARG D 13 -34.90 11.10 -32.95
CA ARG D 13 -35.27 12.49 -32.83
C ARG D 13 -34.38 13.20 -31.82
N LYS D 14 -34.12 12.55 -30.68
CA LYS D 14 -33.23 13.14 -29.69
C LYS D 14 -31.81 13.32 -30.24
N LEU D 15 -31.33 12.34 -30.99
CA LEU D 15 -29.98 12.43 -31.55
C LEU D 15 -29.87 13.58 -32.54
N VAL D 16 -30.84 13.70 -33.45
CA VAL D 16 -30.77 14.77 -34.42
C VAL D 16 -30.96 16.13 -33.75
N GLU D 17 -31.80 16.20 -32.71
CA GLU D 17 -31.95 17.44 -31.97
C GLU D 17 -30.63 17.83 -31.30
N GLN D 18 -29.93 16.87 -30.71
CA GLN D 18 -28.64 17.17 -30.10
C GLN D 18 -27.63 17.64 -31.13
N LEU D 19 -27.62 17.01 -32.30
CA LEU D 19 -26.70 17.44 -33.35
C LEU D 19 -27.01 18.87 -33.79
N LYS D 20 -28.29 19.19 -33.96
CA LYS D 20 -28.66 20.56 -34.34
C LYS D 20 -28.26 21.56 -33.26
N MET D 21 -28.46 21.20 -31.99
CA MET D 21 -28.09 22.10 -30.90
C MET D 21 -26.59 22.34 -30.87
N GLU D 22 -25.79 21.30 -31.11
CA GLU D 22 -24.35 21.43 -31.06
C GLU D 22 -23.75 21.90 -32.37
N ALA D 23 -24.56 22.11 -33.40
CA ALA D 23 -24.09 22.60 -34.69
C ALA D 23 -24.21 24.11 -34.83
N ASN D 24 -24.55 24.82 -33.75
CA ASN D 24 -24.76 26.26 -33.82
C ASN D 24 -23.81 27.00 -32.89
N ILE D 25 -22.52 26.64 -32.92
CA ILE D 25 -21.51 27.26 -32.07
C ILE D 25 -20.53 28.03 -32.95
N ASP D 26 -20.16 29.23 -32.49
CA ASP D 26 -19.19 30.04 -33.21
C ASP D 26 -17.81 29.40 -33.12
N ARG D 27 -16.87 29.96 -33.87
CA ARG D 27 -15.54 29.38 -33.99
C ARG D 27 -14.49 30.46 -34.17
N ILE D 28 -13.44 30.40 -33.36
CA ILE D 28 -12.23 31.18 -33.59
C ILE D 28 -11.32 30.37 -34.50
N LYS D 29 -10.29 31.01 -35.04
CA LYS D 29 -9.36 30.32 -35.91
C LYS D 29 -8.44 29.41 -35.10
N VAL D 30 -7.91 28.38 -35.77
CA VAL D 30 -7.03 27.43 -35.11
C VAL D 30 -5.72 28.08 -34.70
N SER D 31 -5.13 28.87 -35.60
CA SER D 31 -3.85 29.50 -35.31
C SER D 31 -3.96 30.46 -34.14
N LYS D 32 -5.10 31.12 -33.99
CA LYS D 32 -5.28 32.03 -32.88
C LYS D 32 -5.22 31.29 -31.55
N ALA D 33 -5.88 30.14 -31.46
CA ALA D 33 -5.86 29.38 -30.22
C ALA D 33 -4.49 28.78 -29.96
N ALA D 34 -3.81 28.33 -31.02
CA ALA D 34 -2.45 27.81 -30.83
C ALA D 34 -1.53 28.90 -30.29
N ALA D 35 -1.65 30.11 -30.83
CA ALA D 35 -0.83 31.22 -30.33
C ALA D 35 -1.21 31.60 -28.91
N ASP D 36 -2.49 31.48 -28.57
CA ASP D 36 -2.92 31.77 -27.20
C ASP D 36 -2.30 30.77 -26.22
N LEU D 37 -2.29 29.49 -26.58
CA LEU D 37 -1.62 28.49 -25.74
C LEU D 37 -0.14 28.78 -25.63
N MET D 38 0.49 29.17 -26.74
CA MET D 38 1.92 29.50 -26.69
C MET D 38 2.17 30.67 -25.76
N ALA D 39 1.32 31.69 -25.82
CA ALA D 39 1.50 32.86 -24.98
C ALA D 39 1.32 32.52 -23.51
N TYR D 40 0.30 31.72 -23.19
CA TYR D 40 0.09 31.35 -21.79
C TYR D 40 1.25 30.50 -21.28
N CYS D 41 1.74 29.58 -22.09
CA CYS D 41 2.86 28.75 -21.66
C CYS D 41 4.13 29.57 -21.45
N GLU D 42 4.38 30.54 -22.32
CA GLU D 42 5.59 31.34 -22.20
C GLU D 42 5.48 32.44 -21.15
N ALA D 43 4.26 32.81 -20.76
CA ALA D 43 4.10 33.84 -19.73
C ALA D 43 4.43 33.30 -18.35
N HIS D 44 3.95 32.10 -18.03
CA HIS D 44 4.03 31.55 -16.68
C HIS D 44 5.23 30.62 -16.51
N ALA D 45 6.32 30.87 -17.21
CA ALA D 45 7.43 29.93 -17.20
C ALA D 45 8.23 29.98 -15.90
N LYS D 46 8.26 31.13 -15.23
CA LYS D 46 9.15 31.30 -14.09
C LYS D 46 8.72 30.46 -12.90
N GLU D 47 7.44 30.52 -12.53
CA GLU D 47 6.97 29.93 -11.29
C GLU D 47 6.61 28.46 -11.42
N ASP D 48 7.18 27.76 -12.39
CA ASP D 48 6.94 26.33 -12.56
C ASP D 48 8.12 25.56 -12.00
N PRO D 49 7.97 24.86 -10.90
CA PRO D 49 9.10 24.15 -10.30
C PRO D 49 9.41 22.81 -10.92
N LEU D 50 8.91 22.53 -12.12
CA LEU D 50 9.17 21.25 -12.77
C LEU D 50 10.15 21.33 -13.93
N LEU D 51 10.12 22.39 -14.73
CA LEU D 51 11.08 22.50 -15.82
C LEU D 51 12.22 23.46 -15.50
N THR D 52 12.04 24.37 -14.56
CA THR D 52 13.12 25.21 -14.04
C THR D 52 13.47 24.67 -12.67
N PRO D 53 14.39 23.70 -12.57
CA PRO D 53 14.63 23.03 -11.29
C PRO D 53 15.03 24.00 -10.21
N VAL D 54 14.50 23.76 -9.01
CA VAL D 54 14.60 24.69 -7.89
C VAL D 54 15.67 24.16 -6.95
N PRO D 55 16.50 25.03 -6.32
CA PRO D 55 17.65 24.52 -5.58
C PRO D 55 17.28 23.78 -4.30
N ALA D 56 18.29 23.29 -3.59
CA ALA D 56 18.08 22.51 -2.39
C ALA D 56 17.75 23.38 -1.17
N SER D 57 17.61 24.69 -1.35
CA SER D 57 17.34 25.57 -0.24
C SER D 57 15.86 25.84 -0.04
N GLU D 58 15.06 25.80 -1.10
CA GLU D 58 13.62 26.04 -0.97
C GLU D 58 12.80 24.86 -1.49
N ASN D 59 13.37 23.67 -1.53
CA ASN D 59 12.62 22.49 -1.93
C ASN D 59 12.14 21.77 -0.67
N PRO D 60 10.83 21.68 -0.45
CA PRO D 60 10.35 21.02 0.78
C PRO D 60 10.66 19.54 0.85
N PHE D 61 10.82 18.87 -0.29
CA PHE D 61 11.05 17.44 -0.28
C PHE D 61 12.52 17.06 -0.23
N ARG D 62 13.43 18.03 -0.25
CA ARG D 62 14.86 17.77 -0.24
C ARG D 62 15.29 17.01 1.01
N ASP E 1 -22.85 14.38 22.65
CA ASP E 1 -22.23 15.06 23.78
C ASP E 1 -20.85 14.51 24.06
N VAL E 2 -20.01 15.32 24.70
CA VAL E 2 -18.74 14.86 25.27
C VAL E 2 -18.77 15.17 26.76
N GLN E 3 -18.44 14.17 27.57
CA GLN E 3 -18.56 14.29 29.02
C GLN E 3 -17.34 13.71 29.70
N LEU E 4 -16.73 14.51 30.57
CA LEU E 4 -15.67 14.06 31.48
C LEU E 4 -16.09 14.48 32.89
N VAL E 5 -16.21 13.52 33.80
CA VAL E 5 -16.59 13.83 35.18
C VAL E 5 -15.70 13.05 36.13
N GLU E 6 -15.25 13.73 37.19
CA GLU E 6 -14.23 13.18 38.08
C GLU E 6 -14.79 12.93 39.47
N SER E 7 -14.17 11.98 40.17
CA SER E 7 -14.61 11.57 41.49
C SER E 7 -13.44 11.02 42.28
N GLY E 8 -13.56 11.11 43.61
CA GLY E 8 -12.53 10.62 44.51
C GLY E 8 -11.98 11.67 45.44
N GLY E 9 -12.73 12.76 45.65
CA GLY E 9 -12.26 13.88 46.45
C GLY E 9 -12.80 13.86 47.86
N GLY E 10 -12.49 14.93 48.59
CA GLY E 10 -12.91 15.04 49.97
C GLY E 10 -11.90 15.71 50.87
N LEU E 11 -11.53 15.03 51.96
CA LEU E 11 -10.59 15.58 52.93
C LEU E 11 -9.81 14.43 53.56
N VAL E 12 -8.48 14.56 53.60
CA VAL E 12 -7.61 13.53 54.16
C VAL E 12 -6.52 14.20 54.99
N GLN E 13 -6.22 13.62 56.15
CA GLN E 13 -5.15 14.13 56.99
C GLN E 13 -3.80 13.88 56.32
N PRO E 14 -2.78 14.68 56.65
CA PRO E 14 -1.51 14.60 55.92
C PRO E 14 -0.88 13.21 56.02
N GLY E 15 -0.21 12.82 54.94
CA GLY E 15 0.50 11.57 54.86
C GLY E 15 -0.24 10.45 54.19
N GLY E 16 -1.56 10.56 54.06
CA GLY E 16 -2.38 9.49 53.54
C GLY E 16 -2.22 9.21 52.06
N SER E 17 -3.22 8.57 51.46
CA SER E 17 -3.17 8.24 50.04
C SER E 17 -4.59 8.12 49.50
N ARG E 18 -4.75 8.45 48.22
CA ARG E 18 -6.07 8.44 47.59
C ARG E 18 -5.92 8.05 46.12
N LYS E 19 -7.06 7.86 45.47
CA LYS E 19 -7.12 7.55 44.05
C LYS E 19 -8.22 8.36 43.41
N LEU E 20 -7.93 8.96 42.26
CA LEU E 20 -8.88 9.82 41.56
C LEU E 20 -9.25 9.16 40.24
N SER E 21 -10.56 9.15 39.93
CA SER E 21 -11.08 8.51 38.74
C SER E 21 -11.81 9.54 37.89
N CYS E 22 -11.45 9.61 36.61
CA CYS E 22 -12.06 10.53 35.65
C CYS E 22 -12.75 9.68 34.60
N SER E 23 -14.08 9.77 34.53
CA SER E 23 -14.89 8.93 33.65
C SER E 23 -15.34 9.73 32.43
N ALA E 24 -15.30 9.08 31.27
CA ALA E 24 -15.47 9.73 29.98
C ALA E 24 -16.56 9.03 29.19
N SER E 25 -17.31 9.82 28.43
CA SER E 25 -18.38 9.27 27.60
C SER E 25 -18.68 10.24 26.46
N GLY E 26 -18.75 9.71 25.25
CA GLY E 26 -19.09 10.50 24.08
C GLY E 26 -18.04 10.55 22.98
N PHE E 27 -16.90 9.88 23.12
CA PHE E 27 -15.86 9.96 22.11
C PHE E 27 -15.00 8.71 22.16
N ALA E 28 -14.13 8.58 21.16
CA ALA E 28 -13.20 7.47 21.07
C ALA E 28 -12.08 7.70 22.07
N PHE E 29 -12.29 7.24 23.30
CA PHE E 29 -11.36 7.53 24.38
C PHE E 29 -9.99 6.90 24.15
N SER E 30 -9.96 5.73 23.51
CA SER E 30 -8.71 5.00 23.37
C SER E 30 -7.73 5.69 22.43
N SER E 31 -8.19 6.65 21.62
CA SER E 31 -7.37 7.26 20.59
C SER E 31 -6.84 8.62 21.02
N PHE E 32 -6.96 8.98 22.28
CA PHE E 32 -6.60 10.30 22.78
C PHE E 32 -5.44 10.21 23.75
N GLY E 33 -4.99 11.37 24.21
CA GLY E 33 -4.02 11.44 25.29
C GLY E 33 -4.58 12.23 26.46
N MET E 34 -4.48 11.69 27.67
CA MET E 34 -5.05 12.31 28.85
C MET E 34 -4.00 13.08 29.64
N HIS E 35 -4.41 14.22 30.18
CA HIS E 35 -3.55 15.04 31.04
C HIS E 35 -4.22 15.23 32.39
N TRP E 36 -3.46 15.79 33.33
CA TRP E 36 -3.96 16.22 34.61
C TRP E 36 -3.42 17.61 34.89
N VAL E 37 -4.29 18.52 35.32
CA VAL E 37 -3.92 19.89 35.63
C VAL E 37 -4.65 20.30 36.91
N ARG E 38 -3.92 20.88 37.85
CA ARG E 38 -4.46 21.22 39.15
C ARG E 38 -4.47 22.72 39.36
N GLN E 39 -5.26 23.17 40.31
CA GLN E 39 -5.41 24.60 40.56
C GLN E 39 -5.54 24.85 42.06
N ALA E 40 -4.62 25.64 42.60
CA ALA E 40 -4.67 26.05 43.99
C ALA E 40 -5.83 27.02 44.19
N PRO E 41 -6.30 27.18 45.43
CA PRO E 41 -7.48 28.03 45.66
C PRO E 41 -7.30 29.47 45.19
N GLU E 42 -6.10 30.01 45.29
CA GLU E 42 -5.85 31.38 44.85
C GLU E 42 -4.97 31.49 43.62
N LYS E 43 -4.04 30.56 43.43
CA LYS E 43 -3.09 30.63 42.34
C LYS E 43 -3.76 30.17 41.05
N GLY E 44 -2.96 29.98 40.01
CA GLY E 44 -3.44 29.62 38.70
C GLY E 44 -3.31 28.14 38.41
N LEU E 45 -3.05 27.83 37.14
CA LEU E 45 -3.04 26.46 36.66
C LEU E 45 -1.64 25.86 36.75
N GLU E 46 -1.57 24.61 37.20
CA GLU E 46 -0.30 23.90 37.29
C GLU E 46 -0.48 22.49 36.73
N TRP E 47 0.61 21.92 36.25
CA TRP E 47 0.59 20.67 35.51
C TRP E 47 1.03 19.51 36.39
N VAL E 48 0.42 18.33 36.17
CA VAL E 48 0.65 17.20 37.05
C VAL E 48 1.21 15.99 36.31
N ALA E 49 0.44 15.43 35.37
CA ALA E 49 0.86 14.20 34.72
C ALA E 49 0.25 14.10 33.32
N TYR E 50 0.87 13.27 32.49
CA TYR E 50 0.42 13.03 31.12
C TYR E 50 0.59 11.57 30.76
N ILE E 51 -0.44 10.98 30.16
CA ILE E 51 -0.40 9.62 29.64
C ILE E 51 -0.94 9.63 28.22
N SER E 52 -0.32 8.85 27.33
CA SER E 52 -0.59 8.91 25.91
C SER E 52 -1.53 7.79 25.47
N SER E 53 -1.81 7.78 24.17
CA SER E 53 -2.62 6.72 23.58
C SER E 53 -1.77 5.47 23.43
N GLY E 54 -2.28 4.34 23.89
CA GLY E 54 -1.48 3.14 24.00
C GLY E 54 -0.60 3.09 25.23
N SER E 55 -0.59 4.16 26.03
CA SER E 55 0.18 4.23 27.26
C SER E 55 1.66 3.94 27.02
N GLY E 56 2.20 4.58 26.00
CA GLY E 56 3.62 4.44 25.70
C GLY E 56 4.48 5.45 26.44
N THR E 57 4.07 6.71 26.44
CA THR E 57 4.83 7.79 27.06
C THR E 57 4.08 8.36 28.24
N ILE E 58 4.76 8.47 29.37
CA ILE E 58 4.21 9.06 30.59
C ILE E 58 5.15 10.15 31.06
N TYR E 59 4.60 11.33 31.35
CA TYR E 59 5.41 12.45 31.81
C TYR E 59 4.85 12.99 33.12
N TYR E 60 5.75 13.52 33.95
CA TYR E 60 5.38 14.03 35.26
C TYR E 60 6.04 15.38 35.49
N ALA E 61 5.43 16.17 36.35
CA ALA E 61 6.05 17.42 36.78
C ALA E 61 7.20 17.13 37.74
N ASP E 62 8.05 18.14 37.93
CA ASP E 62 9.21 17.96 38.79
C ASP E 62 8.81 17.79 40.25
N THR E 63 7.78 18.51 40.70
CA THR E 63 7.34 18.46 42.08
C THR E 63 6.44 17.27 42.37
N VAL E 64 6.35 16.32 41.44
CA VAL E 64 5.45 15.17 41.59
C VAL E 64 6.15 13.85 41.38
N LYS E 65 7.27 13.79 40.69
CA LYS E 65 7.89 12.51 40.33
C LYS E 65 8.20 11.69 41.58
N GLY E 66 7.80 10.43 41.55
CA GLY E 66 8.05 9.54 42.66
C GLY E 66 6.86 9.34 43.55
N ARG E 67 6.13 10.42 43.84
CA ARG E 67 4.98 10.31 44.74
C ARG E 67 3.75 9.80 44.01
N PHE E 68 3.31 10.49 42.98
CA PHE E 68 2.06 10.19 42.30
C PHE E 68 2.31 9.21 41.16
N THR E 69 1.22 8.62 40.66
CA THR E 69 1.29 7.78 39.47
C THR E 69 -0.02 7.88 38.71
N ILE E 70 0.03 7.54 37.42
CA ILE E 70 -1.10 7.70 36.51
C ILE E 70 -1.37 6.38 35.81
N SER E 71 -2.61 6.17 35.39
CA SER E 71 -3.00 4.96 34.68
C SER E 71 -4.27 5.24 33.91
N ARG E 72 -4.60 4.34 32.99
CA ARG E 72 -5.84 4.43 32.25
C ARG E 72 -6.40 3.05 31.99
N ASP E 73 -7.73 2.97 31.90
CA ASP E 73 -8.46 1.73 31.66
C ASP E 73 -9.41 2.03 30.50
N ASP E 74 -8.90 1.90 29.28
CA ASP E 74 -9.71 2.26 28.12
C ASP E 74 -10.80 1.25 27.74
N PRO E 75 -10.72 -0.05 28.06
CA PRO E 75 -11.91 -0.87 27.84
C PRO E 75 -13.11 -0.40 28.66
N LYS E 76 -12.87 0.07 29.87
CA LYS E 76 -13.91 0.66 30.70
C LYS E 76 -13.82 2.18 30.74
N ASN E 77 -13.01 2.77 29.85
CA ASN E 77 -12.90 4.20 29.59
C ASN E 77 -12.95 5.04 30.87
N THR E 78 -11.94 4.84 31.72
CA THR E 78 -11.75 5.71 32.88
C THR E 78 -10.27 5.89 33.16
N LEU E 79 -9.89 7.12 33.50
CA LEU E 79 -8.52 7.49 33.79
C LEU E 79 -8.31 7.57 35.30
N PHE E 80 -7.09 7.27 35.75
CA PHE E 80 -6.81 7.10 37.18
C PHE E 80 -5.53 7.82 37.57
N LEU E 81 -5.53 8.40 38.76
CA LEU E 81 -4.34 9.00 39.36
C LEU E 81 -4.24 8.57 40.82
N GLN E 82 -3.15 7.90 41.17
CA GLN E 82 -2.92 7.43 42.54
C GLN E 82 -1.96 8.38 43.23
N MET E 83 -2.36 8.87 44.40
CA MET E 83 -1.62 9.87 45.14
C MET E 83 -1.18 9.30 46.48
N THR E 84 0.11 9.34 46.75
CA THR E 84 0.67 8.81 47.99
C THR E 84 1.60 9.83 48.62
N SER E 85 1.64 9.83 49.95
CA SER E 85 2.51 10.70 50.73
C SER E 85 2.27 12.18 50.38
N LEU E 86 1.06 12.62 50.71
CA LEU E 86 0.61 13.94 50.30
C LEU E 86 1.34 15.03 51.09
N ARG E 87 0.92 16.28 50.88
CA ARG E 87 1.52 17.44 51.54
C ARG E 87 0.51 18.56 51.46
N SER E 88 0.76 19.62 52.23
CA SER E 88 -0.16 20.76 52.26
C SER E 88 -0.10 21.59 50.97
N GLU E 89 0.89 21.37 50.11
CA GLU E 89 0.95 22.03 48.82
C GLU E 89 0.15 21.30 47.75
N ASP E 90 -0.78 20.46 48.15
CA ASP E 90 -1.65 19.75 47.22
C ASP E 90 -3.12 20.11 47.38
N THR E 91 -3.46 21.01 48.30
CA THR E 91 -4.85 21.43 48.43
C THR E 91 -5.26 22.21 47.19
N ALA E 92 -6.12 21.60 46.37
CA ALA E 92 -6.38 22.13 45.04
C ALA E 92 -7.56 21.40 44.42
N MET E 93 -7.97 21.89 43.26
CA MET E 93 -9.02 21.27 42.46
C MET E 93 -8.42 20.78 41.15
N TYR E 94 -8.73 19.54 40.78
CA TYR E 94 -8.01 18.83 39.73
C TYR E 94 -8.91 18.64 38.51
N TYR E 95 -8.27 18.51 37.34
CA TYR E 95 -8.94 18.53 36.05
C TYR E 95 -8.47 17.38 35.17
N CYS E 96 -9.16 17.22 34.04
CA CYS E 96 -9.00 16.06 33.16
C CYS E 96 -9.20 16.55 31.73
N VAL E 97 -8.15 16.50 30.91
CA VAL E 97 -8.21 17.07 29.56
C VAL E 97 -7.63 16.09 28.54
N ARG E 98 -8.02 16.31 27.28
CA ARG E 98 -7.68 15.42 26.17
C ARG E 98 -6.87 16.16 25.11
N SER E 99 -5.91 15.47 24.50
CA SER E 99 -4.85 16.10 23.72
C SER E 99 -4.50 15.34 22.44
N ILE E 100 -5.49 15.05 21.60
CA ILE E 100 -5.23 14.34 20.35
C ILE E 100 -4.24 15.09 19.47
N TYR E 101 -3.26 14.36 18.93
CA TYR E 101 -2.15 14.94 18.16
C TYR E 101 -2.02 14.27 16.79
N TYR E 102 -1.98 15.09 15.74
CA TYR E 102 -1.59 14.68 14.39
C TYR E 102 -1.46 15.97 13.58
N TYR E 103 -1.18 15.84 12.29
CA TYR E 103 -1.00 17.02 11.46
C TYR E 103 -2.33 17.76 11.33
N GLY E 104 -2.44 18.91 11.97
CA GLY E 104 -3.64 19.70 11.94
C GLY E 104 -4.58 19.53 13.10
N SER E 105 -4.16 18.84 14.16
CA SER E 105 -5.05 18.54 15.28
C SER E 105 -5.19 19.75 16.19
N SER E 106 -5.94 19.57 17.27
CA SER E 106 -6.21 20.64 18.23
C SER E 106 -6.14 20.09 19.64
N PRO E 107 -4.99 20.22 20.31
CA PRO E 107 -4.86 19.73 21.67
C PRO E 107 -5.61 20.58 22.68
N PHE E 108 -5.88 19.97 23.84
CA PHE E 108 -6.56 20.62 24.95
C PHE E 108 -7.91 21.20 24.54
N ASP E 109 -8.68 20.45 23.76
CA ASP E 109 -9.92 21.01 23.24
C ASP E 109 -11.10 20.88 24.19
N PHE E 110 -11.06 19.95 25.14
CA PHE E 110 -12.16 19.79 26.08
C PHE E 110 -11.62 19.61 27.49
N TRP E 111 -12.17 20.37 28.42
CA TRP E 111 -11.75 20.34 29.81
C TRP E 111 -12.88 19.78 30.68
N GLY E 112 -12.52 18.96 31.65
CA GLY E 112 -13.49 18.30 32.50
C GLY E 112 -14.14 19.22 33.49
N GLN E 113 -14.48 18.72 34.68
CA GLN E 113 -15.18 19.54 35.67
C GLN E 113 -14.40 19.75 36.96
N GLY E 114 -13.63 18.78 37.41
CA GLY E 114 -12.69 19.02 38.50
C GLY E 114 -13.14 18.55 39.86
N THR E 115 -12.27 17.80 40.54
CA THR E 115 -12.55 17.29 41.88
C THR E 115 -11.67 18.00 42.89
N THR E 116 -12.26 18.35 44.04
CA THR E 116 -11.59 19.18 45.03
C THR E 116 -11.01 18.32 46.13
N LEU E 117 -9.72 18.45 46.38
CA LEU E 117 -9.03 17.73 47.44
C LEU E 117 -8.34 18.73 48.35
N THR E 118 -8.53 18.56 49.65
CA THR E 118 -7.95 19.45 50.64
C THR E 118 -7.28 18.62 51.73
N VAL E 119 -6.20 19.17 52.28
CA VAL E 119 -5.45 18.54 53.37
C VAL E 119 -5.26 19.56 54.47
N SER E 120 -5.47 19.13 55.71
CA SER E 120 -5.36 20.04 56.85
C SER E 120 -3.88 20.34 57.12
N SER E 121 -3.65 21.14 58.16
CA SER E 121 -2.29 21.50 58.54
C SER E 121 -1.53 20.29 59.06
N GLY E 122 -0.27 20.19 58.67
CA GLY E 122 0.57 19.08 59.08
C GLY E 122 1.75 18.83 58.16
N GLY E 135 16.56 23.16 35.56
CA GLY E 135 16.85 24.57 35.39
C GLY E 135 16.43 25.09 34.02
N SER E 136 16.18 24.16 33.10
CA SER E 136 15.73 24.49 31.75
C SER E 136 14.23 24.59 31.64
N ASP E 137 13.50 24.45 32.74
CA ASP E 137 12.06 24.63 32.73
C ASP E 137 11.71 26.04 32.26
N ILE E 138 11.05 26.13 31.11
CA ILE E 138 10.83 27.42 30.48
C ILE E 138 9.86 28.24 31.32
N VAL E 139 10.25 29.47 31.63
CA VAL E 139 9.45 30.37 32.45
C VAL E 139 8.70 31.32 31.53
N MET E 140 7.42 31.49 31.78
CA MET E 140 6.57 32.35 30.97
C MET E 140 5.87 33.33 31.89
N THR E 141 5.98 34.62 31.57
CA THR E 141 5.51 35.68 32.43
C THR E 141 4.45 36.49 31.71
N GLN E 142 3.25 36.51 32.28
CA GLN E 142 2.20 37.42 31.84
C GLN E 142 2.36 38.71 32.60
N ALA E 143 2.40 39.83 31.87
CA ALA E 143 2.79 41.09 32.49
C ALA E 143 1.67 41.63 33.40
N THR E 144 0.53 41.95 32.81
CA THR E 144 -0.52 42.64 33.54
C THR E 144 -1.46 41.63 34.19
N SER E 145 -1.93 41.96 35.38
CA SER E 145 -2.83 41.08 36.13
C SER E 145 -4.27 41.53 36.09
N SER E 146 -4.53 42.83 36.18
CA SER E 146 -5.89 43.36 36.17
C SER E 146 -6.02 44.40 35.08
N VAL E 147 -7.02 44.23 34.22
CA VAL E 147 -7.27 45.18 33.13
C VAL E 147 -8.75 45.52 33.10
N PRO E 148 -9.16 46.68 33.60
CA PRO E 148 -10.56 47.09 33.43
C PRO E 148 -10.88 47.32 31.97
N VAL E 149 -12.11 46.97 31.59
CA VAL E 149 -12.55 47.05 30.20
C VAL E 149 -13.98 47.59 30.14
N THR E 150 -14.39 47.96 28.93
CA THR E 150 -15.75 48.37 28.62
C THR E 150 -16.25 47.57 27.42
N PRO E 151 -17.53 47.25 27.39
CA PRO E 151 -18.05 46.47 26.25
C PRO E 151 -17.88 47.23 24.94
N GLY E 152 -17.61 46.47 23.88
CA GLY E 152 -17.42 47.04 22.56
C GLY E 152 -16.03 47.53 22.26
N GLU E 153 -15.15 47.55 23.25
CA GLU E 153 -13.79 48.04 23.05
C GLU E 153 -12.90 46.94 22.48
N SER E 154 -11.64 47.27 22.26
CA SER E 154 -10.63 46.33 21.77
C SER E 154 -9.51 46.23 22.78
N VAL E 155 -9.16 45.02 23.16
CA VAL E 155 -8.16 44.79 24.20
C VAL E 155 -7.11 43.82 23.69
N SER E 156 -5.84 44.16 23.91
CA SER E 156 -4.72 43.32 23.53
C SER E 156 -3.97 42.88 24.78
N ILE E 157 -3.76 41.57 24.92
CA ILE E 157 -3.06 40.99 26.06
C ILE E 157 -1.78 40.34 25.58
N SER E 158 -0.81 40.23 26.47
CA SER E 158 0.55 39.86 26.09
C SER E 158 1.05 38.68 26.90
N CYS E 159 2.05 37.99 26.34
CA CYS E 159 2.70 36.85 26.99
C CYS E 159 4.09 36.74 26.40
N ARG E 160 5.11 36.79 27.25
CA ARG E 160 6.50 36.76 26.83
C ARG E 160 7.18 35.54 27.43
N SER E 161 7.82 34.74 26.59
CA SER E 161 8.47 33.53 27.01
C SER E 161 9.93 33.83 27.37
N SER E 162 10.72 32.78 27.56
CA SER E 162 12.15 32.90 27.79
C SER E 162 12.98 32.28 26.68
N LYS E 163 12.43 31.32 25.95
CA LYS E 163 13.09 30.71 24.81
C LYS E 163 12.26 30.96 23.56
N SER E 164 12.94 30.99 22.42
CA SER E 164 12.24 31.19 21.15
C SER E 164 11.39 29.96 20.85
N LEU E 165 10.10 30.18 20.63
CA LEU E 165 9.14 29.11 20.42
C LEU E 165 8.96 28.74 18.96
N LEU E 166 9.72 29.35 18.06
CA LEU E 166 9.64 29.02 16.64
C LEU E 166 10.61 27.89 16.34
N HIS E 167 10.08 26.69 16.15
CA HIS E 167 10.88 25.53 15.81
C HIS E 167 11.37 25.63 14.37
N SER E 168 12.11 24.61 13.94
CA SER E 168 12.58 24.57 12.56
C SER E 168 11.46 24.21 11.58
N ASN E 169 10.45 23.47 12.06
CA ASN E 169 9.34 23.02 11.22
C ASN E 169 8.46 24.16 10.74
N GLY E 170 8.78 25.41 11.06
CA GLY E 170 7.94 26.52 10.72
C GLY E 170 6.80 26.75 11.68
N ASN E 171 6.71 25.97 12.74
CA ASN E 171 5.64 26.05 13.73
C ASN E 171 6.11 26.76 14.98
N THR E 172 5.16 27.38 15.66
CA THR E 172 5.37 27.86 17.02
C THR E 172 4.22 27.37 17.89
N TYR E 173 4.53 27.09 19.14
CA TYR E 173 3.59 26.41 20.04
C TYR E 173 3.25 27.30 21.23
N LEU E 174 2.23 28.15 21.09
CA LEU E 174 1.63 28.79 22.25
C LEU E 174 0.12 28.71 22.13
N TYR E 175 -0.51 28.25 23.21
CA TYR E 175 -1.95 28.09 23.29
C TYR E 175 -2.51 29.13 24.25
N TRP E 176 -3.71 29.61 23.95
CA TRP E 176 -4.41 30.56 24.81
C TRP E 176 -5.63 29.89 25.40
N PHE E 177 -5.94 30.23 26.65
CA PHE E 177 -7.06 29.64 27.37
C PHE E 177 -7.88 30.73 28.03
N LEU E 178 -9.18 30.50 28.12
CA LEU E 178 -10.10 31.39 28.78
C LEU E 178 -10.77 30.63 29.92
N GLN E 179 -11.00 31.31 31.03
CA GLN E 179 -11.67 30.69 32.17
C GLN E 179 -12.71 31.67 32.71
N ARG E 180 -13.98 31.33 32.53
CA ARG E 180 -15.06 32.06 33.15
C ARG E 180 -15.10 31.74 34.64
N PRO E 181 -15.68 32.61 35.45
CA PRO E 181 -15.72 32.34 36.89
C PRO E 181 -16.53 31.09 37.20
N GLY E 182 -15.91 30.18 37.95
CA GLY E 182 -16.58 28.98 38.40
C GLY E 182 -16.96 27.99 37.32
N GLN E 183 -16.12 27.82 36.31
CA GLN E 183 -16.33 26.81 35.28
C GLN E 183 -14.97 26.26 34.87
N SER E 184 -14.96 25.51 33.86
CA SER E 184 -13.67 25.01 33.44
C SER E 184 -13.17 25.78 32.21
N PRO E 185 -11.86 25.85 32.03
CA PRO E 185 -11.31 26.62 30.91
C PRO E 185 -11.66 26.02 29.55
N GLN E 186 -11.68 26.88 28.54
CA GLN E 186 -11.92 26.49 27.16
C GLN E 186 -10.78 27.00 26.29
N LEU E 187 -10.46 26.22 25.25
CA LEU E 187 -9.34 26.56 24.37
C LEU E 187 -9.77 27.60 23.34
N LEU E 188 -8.99 28.67 23.22
CA LEU E 188 -9.29 29.76 22.29
C LEU E 188 -8.45 29.68 21.02
N ILE E 189 -7.13 29.75 21.15
CA ILE E 189 -6.22 29.78 20.02
C ILE E 189 -5.14 28.74 20.23
N TYR E 190 -4.85 27.95 19.21
CA TYR E 190 -3.79 26.96 19.27
C TYR E 190 -2.76 27.24 18.17
N ARG E 191 -1.48 27.27 18.58
CA ARG E 191 -0.33 27.49 17.70
C ARG E 191 -0.26 28.91 17.16
N MET E 192 -0.64 29.88 18.00
CA MET E 192 -0.42 31.31 17.87
C MET E 192 -1.30 31.95 16.80
N SER E 193 -1.91 31.15 15.93
CA SER E 193 -2.70 31.73 14.84
C SER E 193 -4.01 31.03 14.57
N ASN E 194 -4.16 29.76 14.90
CA ASN E 194 -5.33 28.99 14.51
C ASN E 194 -6.46 29.23 15.50
N LEU E 195 -7.63 29.60 14.98
CA LEU E 195 -8.83 29.75 15.79
C LEU E 195 -9.49 28.38 15.95
N ALA E 196 -9.82 28.02 17.18
CA ALA E 196 -10.32 26.69 17.46
C ALA E 196 -11.76 26.55 16.97
N SER E 197 -12.39 25.43 17.29
CA SER E 197 -13.76 25.16 16.87
C SER E 197 -14.73 25.60 17.96
N GLY E 198 -15.83 26.20 17.54
CA GLY E 198 -16.83 26.66 18.48
C GLY E 198 -16.55 28.01 19.10
N VAL E 199 -15.53 28.71 18.64
CA VAL E 199 -15.19 30.01 19.20
C VAL E 199 -15.40 31.10 18.15
N PRO E 200 -15.85 32.28 18.54
CA PRO E 200 -16.19 33.32 17.56
C PRO E 200 -14.99 33.85 16.80
N ASP E 201 -15.25 34.72 15.83
CA ASP E 201 -14.21 35.26 14.96
C ASP E 201 -13.48 36.41 15.64
N ARG E 202 -14.05 36.97 16.70
CA ARG E 202 -13.49 38.16 17.33
C ARG E 202 -12.03 37.95 17.72
N PHE E 203 -11.75 36.88 18.44
CA PHE E 203 -10.41 36.65 18.96
C PHE E 203 -9.45 36.39 17.82
N SER E 204 -8.22 36.89 17.97
CA SER E 204 -7.17 36.59 17.00
C SER E 204 -5.83 36.65 17.72
N GLY E 205 -4.79 36.16 17.07
CA GLY E 205 -3.48 36.10 17.66
C GLY E 205 -2.41 36.60 16.72
N SER E 206 -1.27 36.96 17.31
CA SER E 206 -0.10 37.36 16.56
C SER E 206 1.11 37.29 17.48
N GLY E 207 2.28 37.58 16.92
CA GLY E 207 3.49 37.68 17.71
C GLY E 207 4.68 37.22 16.92
N SER E 208 5.80 37.08 17.62
CA SER E 208 7.04 36.68 16.98
C SER E 208 7.99 36.10 18.01
N GLY E 209 8.41 34.86 17.80
CA GLY E 209 9.55 34.29 18.49
C GLY E 209 9.30 34.03 19.95
N THR E 210 9.21 35.10 20.72
CA THR E 210 8.94 35.08 22.15
C THR E 210 7.81 36.01 22.54
N ALA E 211 7.67 37.17 21.90
CA ALA E 211 6.68 38.15 22.29
C ALA E 211 5.38 37.84 21.57
N PHE E 212 4.37 37.38 22.30
CA PHE E 212 3.14 36.87 21.73
C PHE E 212 1.95 37.64 22.27
N THR E 213 0.97 37.90 21.42
CA THR E 213 -0.13 38.78 21.76
C THR E 213 -1.44 38.20 21.25
N LEU E 214 -2.50 38.44 22.02
CA LEU E 214 -3.84 38.05 21.66
C LEU E 214 -4.73 39.28 21.65
N THR E 215 -5.54 39.42 20.61
CA THR E 215 -6.37 40.59 20.40
C THR E 215 -7.84 40.18 20.45
N ILE E 216 -8.62 40.90 21.24
CA ILE E 216 -10.06 40.74 21.32
C ILE E 216 -10.68 42.03 20.80
N SER E 217 -11.56 41.90 19.80
CA SER E 217 -12.21 43.05 19.19
C SER E 217 -13.70 43.02 19.50
N ARG E 218 -14.24 44.18 19.87
CA ARG E 218 -15.65 44.33 20.22
C ARG E 218 -16.04 43.38 21.34
N LEU E 219 -15.41 43.58 22.49
CA LEU E 219 -15.58 42.69 23.63
C LEU E 219 -17.02 42.74 24.14
N GLU E 220 -17.60 41.57 24.40
CA GLU E 220 -18.94 41.46 24.93
C GLU E 220 -18.89 41.24 26.43
N ALA E 221 -20.06 41.10 27.04
CA ALA E 221 -20.18 40.92 28.49
C ALA E 221 -20.08 39.47 28.93
N GLU E 222 -19.92 38.54 27.99
CA GLU E 222 -19.83 37.13 28.31
C GLU E 222 -18.39 36.65 28.40
N ASP E 223 -17.41 37.51 28.08
CA ASP E 223 -16.01 37.13 28.01
C ASP E 223 -15.21 37.51 29.24
N VAL E 224 -15.88 37.93 30.33
CA VAL E 224 -15.16 38.20 31.57
C VAL E 224 -14.61 36.90 32.12
N GLY E 225 -13.50 37.01 32.82
CA GLY E 225 -12.85 35.85 33.40
C GLY E 225 -11.36 36.11 33.56
N VAL E 226 -10.59 35.07 33.26
CA VAL E 226 -9.13 35.13 33.34
C VAL E 226 -8.53 34.35 32.18
N TYR E 227 -7.49 34.90 31.58
CA TYR E 227 -6.87 34.36 30.37
C TYR E 227 -5.48 33.82 30.69
N TYR E 228 -5.08 32.74 30.01
CA TYR E 228 -3.81 32.09 30.26
C TYR E 228 -3.09 31.76 28.94
N CYS E 229 -1.77 31.67 29.01
CA CYS E 229 -0.94 31.23 27.90
C CYS E 229 -0.11 30.01 28.31
N MET E 230 0.07 29.10 27.37
CA MET E 230 0.74 27.82 27.60
C MET E 230 1.71 27.51 26.47
N GLN E 231 2.81 26.85 26.81
CA GLN E 231 3.82 26.43 25.85
C GLN E 231 3.79 24.93 25.65
N HIS E 232 4.15 24.50 24.45
CA HIS E 232 4.16 23.08 24.11
C HIS E 232 5.38 22.71 23.30
N LEU E 233 6.49 23.44 23.49
CA LEU E 233 7.71 23.13 22.76
C LEU E 233 8.37 21.86 23.31
N GLU E 234 8.44 21.73 24.62
CA GLU E 234 9.02 20.56 25.26
C GLU E 234 8.47 20.44 26.65
N TYR E 235 8.51 19.22 27.18
CA TYR E 235 7.96 18.94 28.50
C TYR E 235 8.95 19.32 29.60
N PRO E 236 8.47 19.74 30.78
CA PRO E 236 7.08 19.87 31.23
C PRO E 236 6.40 21.15 30.80
N LEU E 237 5.09 21.08 30.64
CA LEU E 237 4.31 22.25 30.26
C LEU E 237 4.35 23.29 31.36
N THR E 238 4.41 24.56 30.97
CA THR E 238 4.44 25.66 31.91
C THR E 238 3.41 26.70 31.51
N PHE E 239 2.57 27.09 32.44
CA PHE E 239 1.53 28.06 32.19
C PHE E 239 2.03 29.46 32.54
N GLY E 240 1.11 30.43 32.56
CA GLY E 240 1.37 31.75 33.08
C GLY E 240 0.43 32.05 34.23
N ALA E 241 0.73 33.15 34.93
CA ALA E 241 -0.09 33.52 36.08
C ALA E 241 -1.50 33.95 35.69
N GLY E 242 -1.74 34.19 34.41
CA GLY E 242 -3.05 34.62 33.96
C GLY E 242 -3.26 36.11 34.10
N THR E 243 -4.20 36.62 33.32
CA THR E 243 -4.61 38.02 33.37
C THR E 243 -6.11 38.08 33.57
N LYS E 244 -6.55 38.84 34.57
CA LYS E 244 -7.96 38.93 34.88
C LYS E 244 -8.63 40.04 34.09
N LEU E 245 -9.95 39.94 33.97
CA LEU E 245 -10.76 40.98 33.32
C LEU E 245 -11.90 41.36 34.24
N GLU E 246 -12.21 42.65 34.28
CA GLU E 246 -13.32 43.16 35.07
C GLU E 246 -13.98 44.31 34.33
N LEU E 247 -15.30 44.40 34.44
CA LEU E 247 -16.04 45.46 33.78
C LEU E 247 -15.80 46.79 34.48
N LYS E 248 -16.22 47.86 33.81
CA LYS E 248 -16.11 49.22 34.34
C LYS E 248 -14.67 49.57 34.68
N1 ACH F . 35.79 -24.83 5.90
C2 ACH F . 35.81 -25.88 6.87
C3 ACH F . 34.49 -25.89 7.61
O4 ACH F . 34.36 -27.18 8.13
C5 ACH F . 33.62 -27.25 9.30
O7 ACH F . 33.65 -28.23 9.95
C6 ACH F . 32.75 -26.06 9.72
C8 ACH F . 36.07 -23.58 6.56
C9 ACH F . 36.78 -25.11 4.89
C10 ACH F . 34.50 -24.81 5.27
C15 2CU G . 44.92 -29.81 8.04
C16 2CU G . 43.45 -30.23 7.80
C18 2CU G . 45.26 -28.64 5.72
C20 2CU G . 46.32 -27.93 5.05
C24 2CU G . 46.17 -27.38 3.61
C22 2CU G . 47.04 -28.76 7.40
C10 2CU G . 46.73 -31.04 11.46
C01 2CU G . 52.65 -32.17 12.81
N02 2CU G . 51.45 -32.41 13.08
C03 2CU G . 50.97 -33.43 12.25
C04 2CU G . 49.48 -33.69 12.47
N05 2CU G . 48.69 -32.51 12.37
C06 2CU G . 49.20 -31.50 13.22
C07 2CU G . 50.69 -31.24 12.96
C08 2CU G . 47.51 -32.38 11.50
O09 2CU G . 47.17 -33.29 10.83
O11 2CU G . 47.46 -30.10 10.71
C12 2CU G . 46.87 -29.76 9.48
C13 2CU G . 45.52 -30.14 9.26
CL1 2CU G . 44.61 -31.04 10.51
C17 2CU G . 45.71 -29.08 7.09
N19 2CU G . 43.92 -28.90 5.21
S21 2CU G . 47.65 -27.93 6.05
N23 2CU G . 47.59 -29.10 8.58
O25 2CU G . 45.08 -27.45 3.19
N26 2CU G . 47.22 -26.82 2.72
C27 2CU G . 48.66 -26.64 2.99
C28 2CU G . 49.56 -26.60 1.75
C29 2CU G . 49.23 -25.31 2.50
#